data_4H2V
#
_entry.id   4H2V
#
_cell.length_a   90.853
_cell.length_b   101.020
_cell.length_c   104.407
_cell.angle_alpha   90.000
_cell.angle_beta   90.000
_cell.angle_gamma   90.000
#
_symmetry.space_group_name_H-M   'P 21 21 21'
#
loop_
_entity.id
_entity.type
_entity.pdbx_description
1 polymer 'Amino acid--[acyl-carrier-protein] ligase 1'
2 polymer 'Aminoacyl carrier protein 1'
3 non-polymer 'ZINC ION'
4 non-polymer 'ADENOSINE MONOPHOSPHATE'
5 non-polymer 'ACETATE ION'
6 non-polymer 'SULFATE ION'
7 non-polymer 'PHOSPHATE ION'
8 non-polymer GLYCEROL
9 non-polymer 'S-[2-({N-[(2S)-2-hydroxy-3,3-dimethyl-4-(phosphonooxy)butanoyl]-beta-alanyl}amino)ethyl] aminoethanethioate'
10 non-polymer "4'-PHOSPHOPANTETHEINE"
11 water water
#
loop_
_entity_poly.entity_id
_entity_poly.type
_entity_poly.pdbx_seq_one_letter_code
_entity_poly.pdbx_strand_id
1 'polypeptide(L)'
;MGSSHHHHHHSSGLVPRGSHMNIAVLPNSPDTAPQIADPLDHLADKLFHSMGSDGVYARTALYESIVERLAALITSHREA
GTEALRFPPVMSRAQLEKSGYLKSFPNLLGCVCGLHGTEREINAAVSRFDAGGDWTTSLSPADLVLSPAACYPVYPIAAS
RGPLPKGGLRFDVAADCFRREPSKHLDRLQSFRMREYVCIGTPDDVSDFRERWMVRAQAIARDLGLTFRVDYASDPFFGR
VGQMKAVSQKQQQLKFELLIPLRSEEQPTACMSFNYHREHFGTTWGIQDANGEPAHTGCVAFGMDRLAVAMFHTHGTDLS
AWPAKVRDILGLQPHVAAGAHGEGWR
;
A,B
2 'polypeptide(L)'
;MGSSHHHHHHSSGLVPRGSHMQAFNTDVRNRIIKLVKGILEQNALAADVTPQAKLVDVGLTSMDMVNLMLGVEAEFDFTI
PQSEITPENFQSVETLERMVMTQLQPATAA
;
C,D
#
loop_
_chem_comp.id
_chem_comp.type
_chem_comp.name
_chem_comp.formula
ACT non-polymer 'ACETATE ION' 'C2 H3 O2 -1'
AMP non-polymer 'ADENOSINE MONOPHOSPHATE' 'C10 H14 N5 O7 P'
GOL non-polymer GLYCEROL 'C3 H8 O3'
H2V non-polymer 'S-[2-({N-[(2S)-2-hydroxy-3,3-dimethyl-4-(phosphonooxy)butanoyl]-beta-alanyl}amino)ethyl] aminoethanethioate' 'C13 H26 N3 O8 P S'
PNS non-polymer 4'-PHOSPHOPANTETHEINE 'C11 H23 N2 O7 P S'
PO4 non-polymer 'PHOSPHATE ION' 'O4 P -3'
SO4 non-polymer 'SULFATE ION' 'O4 S -2'
ZN non-polymer 'ZINC ION' 'Zn 2'
#
# COMPACT_ATOMS: atom_id res chain seq x y z
N ASP A 38 -16.36 -20.55 13.40
CA ASP A 38 -16.88 -19.90 12.20
C ASP A 38 -16.62 -20.77 10.98
N PRO A 39 -17.65 -20.97 10.15
CA PRO A 39 -17.58 -21.86 8.98
C PRO A 39 -16.46 -21.53 7.97
N LEU A 40 -16.01 -20.27 7.91
CA LEU A 40 -14.97 -19.91 6.96
C LEU A 40 -13.57 -20.19 7.48
N ASP A 41 -13.45 -20.37 8.80
CA ASP A 41 -12.14 -20.48 9.45
C ASP A 41 -11.21 -21.50 8.83
N HIS A 42 -11.77 -22.63 8.39
CA HIS A 42 -10.98 -23.72 7.82
C HIS A 42 -10.25 -23.33 6.53
N LEU A 43 -10.70 -22.27 5.87
CA LEU A 43 -10.08 -21.82 4.62
C LEU A 43 -8.76 -21.08 4.85
N ALA A 44 -8.57 -20.59 6.07
CA ALA A 44 -7.45 -19.72 6.40
C ALA A 44 -6.12 -20.29 5.95
N ASP A 45 -5.87 -21.56 6.28
CA ASP A 45 -4.55 -22.15 6.07
C ASP A 45 -4.11 -22.17 4.61
N LYS A 46 -5.05 -22.32 3.69
CA LYS A 46 -4.71 -22.31 2.28
C LYS A 46 -4.69 -20.91 1.64
N LEU A 47 -5.39 -19.97 2.24
CA LEU A 47 -5.61 -18.68 1.57
C LEU A 47 -4.77 -17.53 2.13
N PHE A 48 -4.45 -17.60 3.42
CA PHE A 48 -3.94 -16.42 4.13
C PHE A 48 -2.82 -16.77 5.08
N HIS A 49 -2.00 -15.76 5.39
CA HIS A 49 -1.08 -15.87 6.53
C HIS A 49 -1.31 -14.69 7.47
N SER A 50 -1.19 -14.95 8.75
CA SER A 50 -1.37 -13.93 9.76
C SER A 50 -0.33 -12.85 9.61
N MET A 51 -0.77 -11.60 9.72
CA MET A 51 0.13 -10.44 9.74
C MET A 51 0.07 -9.73 11.08
N GLY A 52 -0.43 -10.44 12.09
CA GLY A 52 -0.43 -9.94 13.44
C GLY A 52 -1.48 -8.89 13.72
N SER A 53 -2.54 -8.88 12.93
CA SER A 53 -3.61 -7.92 13.14
C SER A 53 -4.91 -8.45 12.53
N ASP A 54 -5.98 -8.49 13.32
CA ASP A 54 -7.25 -9.01 12.84
C ASP A 54 -7.70 -8.26 11.58
N GLY A 55 -8.10 -9.02 10.57
CA GLY A 55 -8.64 -8.46 9.35
C GLY A 55 -7.59 -7.96 8.37
N VAL A 56 -6.31 -8.22 8.68
CA VAL A 56 -5.21 -7.83 7.79
C VAL A 56 -4.37 -9.09 7.55
N TYR A 57 -4.44 -9.63 6.33
CA TYR A 57 -3.79 -10.92 6.01
C TYR A 57 -2.95 -10.87 4.75
N ALA A 58 -1.86 -11.63 4.74
CA ALA A 58 -1.07 -11.87 3.55
C ALA A 58 -1.84 -12.90 2.72
N ARG A 59 -1.80 -12.74 1.40
CA ARG A 59 -2.56 -13.59 0.50
C ARG A 59 -1.62 -14.60 -0.18
N THR A 60 -2.01 -15.86 -0.16
CA THR A 60 -1.21 -16.90 -0.80
C THR A 60 -1.35 -16.77 -2.31
N ALA A 61 -0.48 -17.45 -3.04
CA ALA A 61 -0.56 -17.46 -4.50
C ALA A 61 -1.90 -18.05 -4.99
N LEU A 62 -2.35 -19.11 -4.33
CA LEU A 62 -3.66 -19.70 -4.64
C LEU A 62 -4.76 -18.66 -4.56
N TYR A 63 -4.82 -17.97 -3.43
CA TYR A 63 -5.87 -16.98 -3.24
C TYR A 63 -5.78 -15.85 -4.27
N GLU A 64 -4.58 -15.31 -4.50
CA GLU A 64 -4.47 -14.18 -5.40
CA GLU A 64 -4.41 -14.21 -5.42
C GLU A 64 -4.75 -14.59 -6.86
N SER A 65 -4.48 -15.85 -7.21
CA SER A 65 -4.78 -16.30 -8.57
C SER A 65 -6.29 -16.20 -8.85
N ILE A 66 -7.12 -16.50 -7.86
CA ILE A 66 -8.58 -16.42 -8.03
C ILE A 66 -9.08 -14.96 -7.98
N VAL A 67 -8.51 -14.14 -7.10
CA VAL A 67 -8.85 -12.71 -7.13
C VAL A 67 -8.56 -12.14 -8.52
N GLU A 68 -7.40 -12.48 -9.07
CA GLU A 68 -6.99 -12.04 -10.41
CA GLU A 68 -7.02 -12.01 -10.39
C GLU A 68 -7.96 -12.50 -11.49
N ARG A 69 -8.39 -13.76 -11.43
N ARG A 69 -8.36 -13.77 -11.44
CA ARG A 69 -9.29 -14.26 -12.45
CA ARG A 69 -9.30 -14.28 -12.45
C ARG A 69 -10.70 -13.66 -12.31
C ARG A 69 -10.67 -13.63 -12.31
N LEU A 70 -11.10 -13.38 -11.07
CA LEU A 70 -12.35 -12.67 -10.84
C LEU A 70 -12.30 -11.24 -11.40
N ALA A 71 -11.18 -10.54 -11.15
CA ALA A 71 -11.01 -9.18 -11.69
C ALA A 71 -11.07 -9.18 -13.20
N ALA A 72 -10.44 -10.18 -13.83
CA ALA A 72 -10.43 -10.30 -15.28
C ALA A 72 -11.84 -10.58 -15.79
N LEU A 73 -12.60 -11.38 -15.04
CA LEU A 73 -13.98 -11.70 -15.43
C LEU A 73 -14.85 -10.44 -15.36
N ILE A 74 -14.69 -9.69 -14.28
CA ILE A 74 -15.42 -8.43 -14.14
C ILE A 74 -15.09 -7.48 -15.28
N THR A 75 -13.82 -7.39 -15.64
CA THR A 75 -13.39 -6.48 -16.72
C THR A 75 -14.07 -6.87 -18.03
N SER A 76 -14.17 -8.18 -18.27
CA SER A 76 -14.75 -8.69 -19.51
C SER A 76 -16.23 -8.30 -19.64
N HIS A 77 -16.87 -7.93 -18.54
CA HIS A 77 -18.25 -7.45 -18.57
C HIS A 77 -18.39 -5.94 -18.57
N ARG A 78 -17.29 -5.20 -18.69
CA ARG A 78 -17.35 -3.74 -18.67
C ARG A 78 -18.13 -3.20 -19.88
N GLU A 79 -19.01 -2.23 -19.67
CA GLU A 79 -19.76 -1.63 -20.78
C GLU A 79 -18.85 -0.78 -21.66
N ALA A 80 -19.15 -0.72 -22.95
CA ALA A 80 -18.38 0.14 -23.85
C ALA A 80 -18.45 1.60 -23.38
N GLY A 81 -17.42 2.38 -23.68
CA GLY A 81 -17.39 3.77 -23.30
C GLY A 81 -17.05 4.01 -21.84
N THR A 82 -16.43 3.03 -21.20
CA THR A 82 -16.16 3.15 -19.77
C THR A 82 -14.67 3.44 -19.53
N GLU A 83 -14.40 4.55 -18.84
CA GLU A 83 -13.02 4.96 -18.59
C GLU A 83 -12.46 4.28 -17.33
N ALA A 84 -11.35 3.58 -17.46
CA ALA A 84 -10.81 2.81 -16.34
C ALA A 84 -9.73 3.60 -15.60
N LEU A 85 -9.93 3.84 -14.31
CA LEU A 85 -8.91 4.49 -13.47
C LEU A 85 -8.50 3.56 -12.31
N ARG A 86 -7.23 3.59 -11.93
CA ARG A 86 -6.81 2.86 -10.73
C ARG A 86 -6.32 3.84 -9.68
N PHE A 87 -6.87 3.71 -8.48
CA PHE A 87 -6.53 4.61 -7.39
C PHE A 87 -5.59 3.94 -6.39
N PRO A 88 -4.67 4.71 -5.79
CA PRO A 88 -3.83 4.19 -4.71
C PRO A 88 -4.67 3.94 -3.44
N PRO A 89 -4.08 3.32 -2.40
CA PRO A 89 -4.88 3.08 -1.18
C PRO A 89 -5.11 4.31 -0.30
N VAL A 90 -4.61 5.48 -0.70
CA VAL A 90 -4.84 6.72 0.05
C VAL A 90 -5.45 7.76 -0.86
N MET A 91 -6.16 8.73 -0.29
CA MET A 91 -6.75 9.79 -1.07
C MET A 91 -6.72 11.10 -0.26
N SER A 92 -7.10 12.21 -0.90
CA SER A 92 -7.08 13.50 -0.22
C SER A 92 -8.06 13.53 0.95
N ARG A 93 -7.59 13.93 2.12
CA ARG A 93 -8.48 14.07 3.25
C ARG A 93 -9.54 15.14 3.01
N ALA A 94 -9.14 16.27 2.43
CA ALA A 94 -10.08 17.34 2.14
C ALA A 94 -11.18 16.89 1.16
N GLN A 95 -10.81 16.11 0.14
CA GLN A 95 -11.80 15.57 -0.77
C GLN A 95 -12.79 14.63 -0.09
N LEU A 96 -12.30 13.79 0.82
CA LEU A 96 -13.20 12.90 1.54
C LEU A 96 -14.10 13.65 2.51
N GLU A 97 -13.54 14.60 3.24
CA GLU A 97 -14.34 15.48 4.09
C GLU A 97 -15.45 16.15 3.29
N LYS A 98 -15.09 16.70 2.13
CA LYS A 98 -16.04 17.40 1.28
C LYS A 98 -17.16 16.48 0.81
N SER A 99 -16.85 15.20 0.61
CA SER A 99 -17.84 14.23 0.14
C SER A 99 -18.83 13.81 1.22
N GLY A 100 -18.56 14.20 2.46
CA GLY A 100 -19.49 14.01 3.55
C GLY A 100 -19.33 12.71 4.30
N TYR A 101 -18.17 12.07 4.15
CA TYR A 101 -17.94 10.78 4.80
C TYR A 101 -18.07 10.86 6.32
N LEU A 102 -17.71 12.00 6.91
CA LEU A 102 -17.74 12.17 8.38
C LEU A 102 -19.14 12.23 8.98
N LYS A 103 -20.11 12.62 8.18
CA LYS A 103 -21.50 12.61 8.64
C LYS A 103 -22.08 11.19 8.63
N SER A 104 -21.38 10.27 7.99
CA SER A 104 -21.92 8.91 7.83
C SER A 104 -21.14 7.85 8.58
N PHE A 105 -19.83 7.77 8.34
CA PHE A 105 -19.04 6.69 8.95
C PHE A 105 -17.73 7.17 9.60
N PRO A 106 -17.81 8.14 10.52
CA PRO A 106 -16.57 8.67 11.13
C PRO A 106 -15.81 7.59 11.86
N ASN A 107 -16.54 6.61 12.38
CA ASN A 107 -15.96 5.52 13.16
C ASN A 107 -15.15 4.51 12.33
N LEU A 108 -15.31 4.57 11.01
CA LEU A 108 -14.67 3.59 10.13
C LEU A 108 -13.42 4.16 9.46
N LEU A 109 -13.28 5.48 9.51
CA LEU A 109 -12.25 6.17 8.74
C LEU A 109 -10.85 5.95 9.28
N GLY A 110 -9.92 5.57 8.40
CA GLY A 110 -8.50 5.51 8.77
C GLY A 110 -7.82 6.78 8.23
N CYS A 111 -7.21 7.56 9.12
CA CYS A 111 -6.48 8.76 8.69
C CYS A 111 -4.99 8.45 8.67
N VAL A 112 -4.27 9.04 7.74
CA VAL A 112 -2.81 8.91 7.71
C VAL A 112 -2.24 9.97 8.62
N CYS A 113 -1.40 9.54 9.56
CA CYS A 113 -0.68 10.47 10.43
CA CYS A 113 -0.69 10.46 10.44
C CYS A 113 0.82 10.18 10.38
N GLY A 114 1.61 11.16 10.80
CA GLY A 114 3.05 10.99 10.78
C GLY A 114 3.76 11.92 11.73
N LEU A 115 5.07 11.73 11.86
CA LEU A 115 5.91 12.62 12.65
C LEU A 115 6.28 13.77 11.72
N HIS A 116 5.59 14.89 11.86
CA HIS A 116 5.78 16.04 10.97
C HIS A 116 6.64 17.15 11.59
N GLY A 117 7.20 16.91 12.77
CA GLY A 117 7.92 17.95 13.48
C GLY A 117 9.31 18.29 12.97
N THR A 118 10.09 18.93 13.84
CA THR A 118 11.48 19.27 13.56
C THR A 118 12.33 18.06 13.87
N GLU A 119 13.60 18.09 13.46
CA GLU A 119 14.52 17.00 13.76
C GLU A 119 14.62 16.72 15.27
N ARG A 120 14.60 17.78 16.07
CA ARG A 120 14.71 17.59 17.52
C ARG A 120 13.49 16.89 18.08
N GLU A 121 12.30 17.36 17.69
CA GLU A 121 11.05 16.75 18.13
C GLU A 121 10.95 15.28 17.72
N ILE A 122 11.28 14.99 16.47
CA ILE A 122 11.28 13.60 15.99
C ILE A 122 12.24 12.74 16.81
N ASN A 123 13.43 13.26 17.09
CA ASN A 123 14.41 12.57 17.92
C ASN A 123 13.89 12.22 19.30
N ALA A 124 13.14 13.14 19.91
CA ALA A 124 12.53 12.88 21.21
C ALA A 124 11.52 11.74 21.12
N ALA A 125 10.73 11.76 20.05
CA ALA A 125 9.74 10.71 19.82
C ALA A 125 10.47 9.38 19.71
N VAL A 126 11.51 9.34 18.88
CA VAL A 126 12.32 8.13 18.73
C VAL A 126 12.97 7.70 20.06
N SER A 127 13.48 8.67 20.82
CA SER A 127 14.10 8.39 22.12
C SER A 127 13.08 7.78 23.07
N ARG A 128 11.87 8.31 23.03
CA ARG A 128 10.76 7.79 23.82
C ARG A 128 10.51 6.33 23.45
N PHE A 129 10.48 6.07 22.14
CA PHE A 129 10.31 4.69 21.68
C PHE A 129 11.45 3.81 22.19
N ASP A 130 12.69 4.28 22.03
CA ASP A 130 13.87 3.54 22.51
C ASP A 130 13.76 3.12 23.96
N ALA A 131 13.07 3.93 24.75
CA ALA A 131 12.92 3.67 26.18
C ALA A 131 11.69 2.84 26.47
N GLY A 132 11.04 2.37 25.41
CA GLY A 132 9.84 1.55 25.56
C GLY A 132 8.62 2.39 25.87
N GLY A 133 8.67 3.67 25.52
CA GLY A 133 7.55 4.57 25.72
C GLY A 133 6.68 4.76 24.49
N ASP A 134 5.76 5.73 24.57
CA ASP A 134 4.83 5.97 23.48
C ASP A 134 5.29 7.07 22.55
N TRP A 135 5.85 6.67 21.41
CA TRP A 135 6.30 7.67 20.47
C TRP A 135 5.12 8.29 19.69
N THR A 136 3.96 7.66 19.76
CA THR A 136 2.85 8.05 18.89
C THR A 136 2.18 9.37 19.30
N THR A 137 2.50 9.88 20.48
CA THR A 137 1.98 11.19 20.93
C THR A 137 2.50 12.31 20.04
N SER A 138 3.61 12.06 19.36
CA SER A 138 4.18 13.04 18.45
C SER A 138 3.58 13.02 17.04
N LEU A 139 2.64 12.10 16.79
CA LEU A 139 1.95 12.03 15.50
C LEU A 139 1.01 13.21 15.26
N SER A 140 0.95 13.68 14.02
CA SER A 140 -0.08 14.63 13.62
C SER A 140 -0.67 14.20 12.26
N PRO A 141 -1.91 14.61 11.98
CA PRO A 141 -2.60 14.17 10.76
C PRO A 141 -1.95 14.70 9.51
N ALA A 142 -1.87 13.87 8.48
CA ALA A 142 -1.46 14.31 7.18
C ALA A 142 -2.68 14.86 6.47
N ASP A 143 -2.50 15.26 5.21
CA ASP A 143 -3.59 15.69 4.37
C ASP A 143 -4.16 14.51 3.56
N LEU A 144 -3.98 13.30 4.05
CA LEU A 144 -4.41 12.06 3.37
C LEU A 144 -5.15 11.15 4.32
N VAL A 145 -6.11 10.39 3.78
CA VAL A 145 -6.75 9.28 4.48
C VAL A 145 -6.60 7.99 3.68
N LEU A 146 -6.83 6.84 4.32
CA LEU A 146 -6.91 5.59 3.58
C LEU A 146 -8.29 5.58 2.96
N SER A 147 -8.39 5.25 1.68
CA SER A 147 -9.68 5.31 0.99
C SER A 147 -10.66 4.29 1.56
N PRO A 148 -11.85 4.74 1.97
CA PRO A 148 -12.90 3.85 2.48
C PRO A 148 -13.76 3.22 1.38
N ALA A 149 -13.69 3.76 0.17
CA ALA A 149 -14.38 3.14 -0.97
C ALA A 149 -13.68 3.61 -2.21
N ALA A 150 -13.75 2.82 -3.27
CA ALA A 150 -12.99 3.09 -4.48
C ALA A 150 -13.51 4.29 -5.27
N CYS A 151 -14.78 4.63 -5.15
CA CYS A 151 -15.33 5.65 -6.07
C CYS A 151 -15.08 7.11 -5.66
N TYR A 152 -14.92 7.39 -4.35
CA TYR A 152 -14.79 8.78 -3.88
C TYR A 152 -13.88 9.69 -4.72
N PRO A 153 -12.68 9.23 -5.10
CA PRO A 153 -11.84 10.16 -5.87
C PRO A 153 -12.33 10.43 -7.30
N VAL A 154 -13.25 9.64 -7.84
CA VAL A 154 -13.62 9.84 -9.24
C VAL A 154 -14.51 11.08 -9.44
N TYR A 155 -15.26 11.48 -8.42
CA TYR A 155 -16.21 12.58 -8.56
C TYR A 155 -15.55 13.93 -8.85
N PRO A 156 -14.53 14.32 -8.06
CA PRO A 156 -13.87 15.57 -8.44
C PRO A 156 -13.15 15.49 -9.79
N ILE A 157 -12.63 14.31 -10.12
CA ILE A 157 -12.01 14.14 -11.44
C ILE A 157 -13.04 14.40 -12.54
N ALA A 158 -14.21 13.78 -12.42
CA ALA A 158 -15.26 13.95 -13.42
C ALA A 158 -15.67 15.42 -13.51
N ALA A 159 -15.83 16.05 -12.34
CA ALA A 159 -16.28 17.44 -12.26
C ALA A 159 -15.35 18.42 -12.98
N SER A 160 -14.06 18.12 -12.99
CA SER A 160 -13.08 19.02 -13.58
C SER A 160 -13.18 19.09 -15.11
N ARG A 161 -14.03 18.27 -15.71
CA ARG A 161 -14.14 18.22 -17.17
C ARG A 161 -15.32 19.04 -17.71
N GLY A 162 -15.97 19.79 -16.85
CA GLY A 162 -17.13 20.57 -17.26
C GLY A 162 -18.38 19.72 -17.36
N PRO A 163 -19.41 20.22 -18.05
CA PRO A 163 -20.71 19.54 -18.14
C PRO A 163 -20.65 18.18 -18.82
N LEU A 164 -21.51 17.26 -18.38
CA LEU A 164 -21.53 15.89 -18.89
C LEU A 164 -22.06 15.83 -20.31
N PRO A 165 -21.50 14.91 -21.12
CA PRO A 165 -22.08 14.67 -22.44
C PRO A 165 -23.45 14.00 -22.29
N LYS A 166 -24.18 13.88 -23.39
CA LYS A 166 -25.44 13.17 -23.37
C LYS A 166 -25.15 11.71 -23.08
N GLY A 167 -25.95 11.09 -22.21
CA GLY A 167 -25.71 9.71 -21.85
C GLY A 167 -24.76 9.57 -20.65
N GLY A 168 -24.15 10.68 -20.25
CA GLY A 168 -23.35 10.70 -19.04
C GLY A 168 -21.96 10.10 -19.16
N LEU A 169 -21.31 9.90 -18.02
CA LEU A 169 -19.97 9.34 -17.98
C LEU A 169 -20.02 8.03 -17.19
N ARG A 170 -19.22 7.05 -17.61
CA ARG A 170 -19.08 5.80 -16.88
C ARG A 170 -17.62 5.55 -16.58
N PHE A 171 -17.33 5.13 -15.34
CA PHE A 171 -15.97 4.87 -14.93
C PHE A 171 -15.83 3.46 -14.37
N ASP A 172 -14.64 2.91 -14.52
CA ASP A 172 -14.26 1.61 -13.96
C ASP A 172 -13.14 1.98 -12.98
N VAL A 173 -13.39 1.82 -11.69
CA VAL A 173 -12.38 2.20 -10.70
C VAL A 173 -12.06 1.03 -9.77
N ALA A 174 -10.88 1.06 -9.16
CA ALA A 174 -10.53 0.05 -8.16
C ALA A 174 -9.59 0.68 -7.18
N ALA A 175 -9.62 0.21 -5.94
CA ALA A 175 -8.61 0.63 -4.97
C ALA A 175 -8.58 -0.42 -3.87
N ASP A 176 -7.47 -0.52 -3.17
CA ASP A 176 -7.47 -1.20 -1.89
C ASP A 176 -8.05 -0.24 -0.88
N CYS A 177 -9.12 -0.65 -0.22
CA CYS A 177 -9.81 0.24 0.70
C CYS A 177 -9.57 -0.16 2.12
N PHE A 178 -9.89 0.75 3.04
CA PHE A 178 -9.69 0.49 4.45
C PHE A 178 -10.92 0.90 5.25
N ARG A 179 -11.35 0.04 6.16
CA ARG A 179 -12.40 0.41 7.10
C ARG A 179 -12.01 -0.13 8.44
N ARG A 180 -12.05 0.73 9.44
CA ARG A 180 -11.62 0.39 10.78
CA ARG A 180 -11.60 0.36 10.77
C ARG A 180 -12.66 -0.48 11.47
N GLU A 181 -12.75 -1.75 11.07
CA GLU A 181 -13.67 -2.71 11.68
C GLU A 181 -12.97 -4.05 11.89
N PRO A 182 -12.14 -4.13 12.93
CA PRO A 182 -11.37 -5.32 13.26
C PRO A 182 -12.28 -6.49 13.55
N SER A 183 -12.01 -7.64 12.94
CA SER A 183 -12.82 -8.82 13.16
C SER A 183 -11.95 -10.03 12.87
N LYS A 184 -12.28 -11.17 13.46
CA LYS A 184 -11.54 -12.40 13.14
C LYS A 184 -12.16 -13.17 11.96
N HIS A 185 -13.31 -12.73 11.49
CA HIS A 185 -14.00 -13.44 10.41
C HIS A 185 -13.38 -13.14 9.06
N LEU A 186 -13.21 -14.16 8.23
CA LEU A 186 -12.50 -13.98 6.96
C LEU A 186 -13.26 -13.14 5.94
N ASP A 187 -14.56 -12.93 6.17
CA ASP A 187 -15.33 -12.06 5.28
C ASP A 187 -15.48 -10.63 5.83
N ARG A 188 -14.77 -10.30 6.90
CA ARG A 188 -14.84 -8.93 7.40
C ARG A 188 -13.42 -8.43 7.66
N LEU A 189 -12.86 -7.75 6.67
CA LEU A 189 -11.46 -7.34 6.70
C LEU A 189 -11.36 -5.85 6.99
N GLN A 190 -10.20 -5.40 7.44
CA GLN A 190 -9.99 -3.96 7.56
C GLN A 190 -9.41 -3.41 6.27
N SER A 191 -8.56 -4.20 5.59
CA SER A 191 -7.99 -3.78 4.30
C SER A 191 -8.47 -4.76 3.22
N PHE A 192 -9.14 -4.25 2.20
CA PHE A 192 -9.74 -5.17 1.21
C PHE A 192 -9.88 -4.47 -0.13
N ARG A 193 -9.90 -5.26 -1.21
CA ARG A 193 -9.98 -4.72 -2.56
C ARG A 193 -11.42 -4.47 -2.98
N MET A 194 -11.65 -3.30 -3.56
CA MET A 194 -12.97 -2.97 -4.06
C MET A 194 -12.83 -2.61 -5.54
N ARG A 195 -13.73 -3.13 -6.37
CA ARG A 195 -13.79 -2.78 -7.78
C ARG A 195 -15.17 -2.17 -8.00
N GLU A 196 -15.25 -1.07 -8.73
CA GLU A 196 -16.55 -0.45 -8.96
C GLU A 196 -16.76 0.02 -10.39
N TYR A 197 -17.99 -0.10 -10.86
CA TYR A 197 -18.42 0.64 -12.03
C TYR A 197 -19.31 1.79 -11.56
N VAL A 198 -18.98 2.99 -12.00
CA VAL A 198 -19.63 4.20 -11.52
C VAL A 198 -20.28 4.88 -12.72
N CYS A 199 -21.50 5.39 -12.53
CA CYS A 199 -22.20 6.10 -13.60
C CYS A 199 -22.57 7.49 -13.11
N ILE A 200 -22.29 8.48 -13.94
CA ILE A 200 -22.59 9.87 -13.62
C ILE A 200 -23.42 10.45 -14.78
N GLY A 201 -24.61 10.93 -14.50
CA GLY A 201 -25.49 11.42 -15.55
C GLY A 201 -26.84 11.85 -15.01
N THR A 202 -27.87 11.75 -15.85
CA THR A 202 -29.21 12.12 -15.46
C THR A 202 -29.75 11.00 -14.60
N PRO A 203 -30.89 11.21 -13.92
CA PRO A 203 -31.47 10.10 -13.16
C PRO A 203 -31.71 8.85 -14.01
N ASP A 204 -32.19 9.02 -15.23
CA ASP A 204 -32.47 7.87 -16.11
C ASP A 204 -31.20 7.12 -16.48
N ASP A 205 -30.14 7.85 -16.83
CA ASP A 205 -28.85 7.22 -17.13
C ASP A 205 -28.45 6.28 -15.97
N VAL A 206 -28.53 6.81 -14.76
CA VAL A 206 -28.03 6.09 -13.58
C VAL A 206 -28.94 4.93 -13.18
N SER A 207 -30.24 5.17 -13.21
CA SER A 207 -31.23 4.13 -12.94
C SER A 207 -31.12 3.00 -13.96
N ASP A 208 -30.97 3.34 -15.23
CA ASP A 208 -30.85 2.31 -16.27
C ASP A 208 -29.58 1.50 -16.06
N PHE A 209 -28.51 2.21 -15.73
CA PHE A 209 -27.21 1.63 -15.43
C PHE A 209 -27.28 0.61 -14.31
N ARG A 210 -27.88 1.00 -13.19
CA ARG A 210 -28.01 0.13 -12.04
C ARG A 210 -28.87 -1.11 -12.33
N GLU A 211 -29.93 -0.94 -13.12
CA GLU A 211 -30.79 -2.06 -13.45
CA GLU A 211 -30.80 -2.06 -13.48
C GLU A 211 -30.04 -3.08 -14.32
N ARG A 212 -29.30 -2.59 -15.30
CA ARG A 212 -28.50 -3.48 -16.13
C ARG A 212 -27.53 -4.26 -15.25
N TRP A 213 -26.89 -3.57 -14.31
CA TRP A 213 -25.85 -4.23 -13.53
C TRP A 213 -26.41 -5.19 -12.47
N MET A 214 -27.60 -4.91 -11.96
CA MET A 214 -28.23 -5.83 -11.02
C MET A 214 -28.55 -7.19 -11.65
N VAL A 215 -28.98 -7.15 -12.91
CA VAL A 215 -29.25 -8.38 -13.65
C VAL A 215 -27.94 -9.06 -14.03
N ARG A 216 -27.03 -8.27 -14.58
CA ARG A 216 -25.75 -8.76 -15.05
C ARG A 216 -24.91 -9.37 -13.91
N ALA A 217 -24.89 -8.72 -12.75
CA ALA A 217 -24.23 -9.25 -11.56
C ALA A 217 -24.75 -10.62 -11.15
N GLN A 218 -26.07 -10.81 -11.26
CA GLN A 218 -26.67 -12.07 -10.85
C GLN A 218 -26.29 -13.16 -11.82
N ALA A 219 -26.20 -12.80 -13.11
CA ALA A 219 -25.76 -13.77 -14.11
C ALA A 219 -24.31 -14.18 -13.88
N ILE A 220 -23.49 -13.24 -13.44
CA ILE A 220 -22.09 -13.55 -13.16
C ILE A 220 -22.02 -14.51 -11.96
N ALA A 221 -22.79 -14.21 -10.92
CA ALA A 221 -22.79 -15.03 -9.72
C ALA A 221 -23.26 -16.46 -10.05
N ARG A 222 -24.30 -16.55 -10.86
CA ARG A 222 -24.81 -17.85 -11.34
CA ARG A 222 -24.82 -17.83 -11.34
C ARG A 222 -23.71 -18.59 -12.10
N ASP A 223 -23.06 -17.90 -13.03
CA ASP A 223 -21.97 -18.49 -13.82
C ASP A 223 -20.84 -19.00 -12.91
N LEU A 224 -20.67 -18.33 -11.76
CA LEU A 224 -19.59 -18.70 -10.85
C LEU A 224 -19.99 -19.85 -9.91
N GLY A 225 -21.22 -20.33 -10.07
CA GLY A 225 -21.71 -21.45 -9.27
C GLY A 225 -22.08 -21.01 -7.87
N LEU A 226 -22.32 -19.72 -7.69
CA LEU A 226 -22.58 -19.20 -6.35
C LEU A 226 -24.07 -19.19 -6.03
N THR A 227 -24.39 -19.39 -4.74
CA THR A 227 -25.73 -19.22 -4.21
C THR A 227 -25.89 -17.81 -3.66
N PHE A 228 -27.01 -17.16 -3.97
CA PHE A 228 -27.18 -15.76 -3.59
C PHE A 228 -28.64 -15.31 -3.67
N ARG A 229 -28.93 -14.17 -3.08
CA ARG A 229 -30.13 -13.43 -3.42
C ARG A 229 -29.80 -11.95 -3.40
N VAL A 230 -30.57 -11.16 -4.13
CA VAL A 230 -30.42 -9.72 -4.11
C VAL A 230 -31.52 -9.14 -3.25
N ASP A 231 -31.14 -8.32 -2.28
CA ASP A 231 -32.15 -7.72 -1.41
C ASP A 231 -31.87 -6.25 -1.13
N TYR A 232 -32.89 -5.55 -0.66
CA TYR A 232 -32.76 -4.17 -0.21
C TYR A 232 -31.76 -4.15 0.92
N ALA A 233 -31.03 -3.04 1.05
CA ALA A 233 -30.03 -2.95 2.08
C ALA A 233 -29.85 -1.51 2.51
N SER A 234 -29.05 -1.32 3.56
CA SER A 234 -28.66 0.03 3.97
C SER A 234 -27.19 0.06 4.42
N ASP A 235 -26.57 1.23 4.32
CA ASP A 235 -25.20 1.40 4.82
C ASP A 235 -25.23 1.52 6.34
N PRO A 236 -24.15 1.11 7.02
CA PRO A 236 -24.19 1.15 8.49
C PRO A 236 -23.83 2.55 9.02
N PHE A 237 -24.76 3.49 8.88
CA PHE A 237 -24.53 4.86 9.30
C PHE A 237 -24.30 4.94 10.80
N PHE A 238 -23.43 5.87 11.22
CA PHE A 238 -23.02 5.96 12.61
C PHE A 238 -24.05 6.69 13.47
N GLY A 239 -24.19 6.24 14.70
CA GLY A 239 -24.99 6.95 15.69
C GLY A 239 -26.50 6.75 15.58
N ARG A 240 -27.22 7.35 16.52
CA ARG A 240 -28.67 7.25 16.58
C ARG A 240 -29.32 7.78 15.31
N VAL A 241 -28.98 9.01 14.94
CA VAL A 241 -29.50 9.60 13.72
C VAL A 241 -29.20 8.68 12.56
N GLY A 242 -27.97 8.16 12.53
CA GLY A 242 -27.51 7.25 11.49
C GLY A 242 -28.42 6.08 11.20
N GLN A 243 -28.84 5.38 12.24
CA GLN A 243 -29.71 4.21 12.08
C GLN A 243 -31.08 4.58 11.47
N MET A 244 -31.45 5.85 11.59
CA MET A 244 -32.68 6.34 10.98
C MET A 244 -32.41 6.75 9.53
N LYS A 245 -31.18 7.17 9.25
CA LYS A 245 -30.78 7.41 7.87
C LYS A 245 -30.88 6.07 7.13
N ALA A 246 -30.54 4.99 7.82
CA ALA A 246 -30.55 3.65 7.22
C ALA A 246 -31.96 3.21 6.84
N VAL A 247 -32.87 3.30 7.80
CA VAL A 247 -34.28 3.02 7.55
C VAL A 247 -34.77 3.79 6.31
N SER A 248 -34.49 5.09 6.27
CA SER A 248 -34.90 5.89 5.11
C SER A 248 -34.24 5.40 3.81
N GLN A 249 -32.98 5.00 3.91
CA GLN A 249 -32.26 4.49 2.74
C GLN A 249 -32.94 3.23 2.24
N LYS A 250 -33.28 2.35 3.17
CA LYS A 250 -33.92 1.09 2.83
C LYS A 250 -35.28 1.37 2.20
N GLN A 251 -36.03 2.28 2.81
CA GLN A 251 -37.33 2.70 2.30
C GLN A 251 -37.28 3.21 0.87
N GLN A 252 -36.28 4.02 0.54
CA GLN A 252 -36.15 4.58 -0.81
C GLN A 252 -35.49 3.62 -1.80
N GLN A 253 -35.07 2.45 -1.33
CA GLN A 253 -34.40 1.45 -2.18
C GLN A 253 -33.18 2.04 -2.91
N LEU A 254 -32.36 2.78 -2.18
CA LEU A 254 -31.16 3.38 -2.74
C LEU A 254 -29.99 2.40 -2.76
N LYS A 255 -30.15 1.28 -2.06
CA LYS A 255 -29.08 0.31 -2.00
C LYS A 255 -29.57 -1.13 -2.04
N PHE A 256 -29.01 -1.89 -2.97
CA PHE A 256 -29.22 -3.33 -2.99
C PHE A 256 -27.90 -4.01 -2.75
N GLU A 257 -27.98 -5.23 -2.23
CA GLU A 257 -26.80 -6.06 -2.02
C GLU A 257 -27.01 -7.43 -2.60
N LEU A 258 -25.96 -7.99 -3.17
CA LEU A 258 -26.00 -9.41 -3.51
C LEU A 258 -25.42 -10.18 -2.34
N LEU A 259 -26.27 -10.99 -1.73
CA LEU A 259 -25.94 -11.64 -0.46
C LEU A 259 -25.66 -13.12 -0.67
N ILE A 260 -24.55 -13.59 -0.13
CA ILE A 260 -24.13 -14.98 -0.31
C ILE A 260 -23.98 -15.60 1.09
N PRO A 261 -24.62 -16.75 1.32
CA PRO A 261 -24.47 -17.37 2.64
C PRO A 261 -23.04 -17.88 2.83
N LEU A 262 -22.28 -17.27 3.74
CA LEU A 262 -20.92 -17.75 4.01
C LEU A 262 -20.78 -18.42 5.37
N ARG A 263 -21.16 -17.74 6.45
CA ARG A 263 -21.19 -18.42 7.75
C ARG A 263 -22.53 -19.04 8.05
N SER A 264 -23.60 -18.46 7.51
CA SER A 264 -24.93 -19.04 7.66
C SER A 264 -25.88 -18.49 6.60
N GLU A 265 -26.98 -19.20 6.36
CA GLU A 265 -27.99 -18.73 5.41
C GLU A 265 -28.82 -17.65 6.08
N GLU A 266 -28.76 -17.62 7.42
CA GLU A 266 -29.50 -16.65 8.21
C GLU A 266 -28.83 -15.28 8.16
N GLN A 267 -27.51 -15.27 8.12
CA GLN A 267 -26.76 -14.02 8.05
C GLN A 267 -25.79 -14.06 6.88
N PRO A 268 -26.30 -13.87 5.65
CA PRO A 268 -25.45 -13.97 4.46
C PRO A 268 -24.51 -12.76 4.35
N THR A 269 -23.53 -12.88 3.48
CA THR A 269 -22.53 -11.83 3.35
C THR A 269 -22.74 -11.04 2.07
N ALA A 270 -22.77 -9.72 2.17
CA ALA A 270 -22.89 -8.87 1.00
C ALA A 270 -21.58 -8.88 0.21
N CYS A 271 -21.60 -9.41 -1.01
CA CYS A 271 -20.37 -9.50 -1.81
C CYS A 271 -20.38 -8.49 -2.93
N MET A 272 -21.55 -7.92 -3.21
CA MET A 272 -21.67 -6.79 -4.15
C MET A 272 -22.72 -5.84 -3.64
N SER A 273 -22.59 -4.57 -3.99
CA SER A 273 -23.68 -3.65 -3.74
C SER A 273 -24.00 -2.80 -4.97
N PHE A 274 -25.21 -2.27 -5.00
CA PHE A 274 -25.72 -1.50 -6.11
C PHE A 274 -26.32 -0.24 -5.52
N ASN A 275 -25.63 0.88 -5.73
CA ASN A 275 -25.85 2.08 -4.95
C ASN A 275 -26.35 3.24 -5.80
N TYR A 276 -27.44 3.86 -5.38
CA TYR A 276 -27.96 5.04 -6.04
C TYR A 276 -27.78 6.22 -5.11
N HIS A 277 -26.98 7.21 -5.54
CA HIS A 277 -26.65 8.34 -4.66
C HIS A 277 -27.52 9.58 -4.93
N ARG A 278 -28.45 9.47 -5.88
CA ARG A 278 -29.18 10.64 -6.36
C ARG A 278 -28.19 11.74 -6.72
N GLU A 279 -28.48 12.98 -6.31
CA GLU A 279 -27.67 14.11 -6.71
C GLU A 279 -26.61 14.51 -5.68
N HIS A 280 -26.38 13.65 -4.67
CA HIS A 280 -25.46 13.99 -3.60
C HIS A 280 -24.09 14.43 -4.09
N PHE A 281 -23.44 13.61 -4.90
CA PHE A 281 -22.12 13.95 -5.39
C PHE A 281 -22.17 14.99 -6.51
N GLY A 282 -23.22 14.95 -7.32
CA GLY A 282 -23.36 15.94 -8.37
C GLY A 282 -23.38 17.34 -7.78
N THR A 283 -24.14 17.49 -6.71
CA THR A 283 -24.29 18.76 -6.01
C THR A 283 -23.01 19.13 -5.26
N THR A 284 -22.44 18.15 -4.57
CA THR A 284 -21.23 18.36 -3.79
C THR A 284 -20.10 18.88 -4.67
N TRP A 285 -19.96 18.29 -5.85
CA TRP A 285 -18.84 18.61 -6.72
C TRP A 285 -19.21 19.50 -7.90
N GLY A 286 -20.46 19.94 -7.94
CA GLY A 286 -20.92 20.80 -9.02
C GLY A 286 -20.86 20.18 -10.40
N ILE A 287 -21.21 18.90 -10.50
CA ILE A 287 -21.24 18.23 -11.78
C ILE A 287 -22.61 18.47 -12.39
N GLN A 288 -22.63 18.90 -13.64
CA GLN A 288 -23.90 19.18 -14.32
C GLN A 288 -24.10 18.22 -15.48
N ASP A 289 -25.31 17.68 -15.59
CA ASP A 289 -25.61 16.77 -16.70
C ASP A 289 -25.82 17.57 -17.98
N ALA A 290 -26.17 16.89 -19.06
CA ALA A 290 -26.31 17.53 -20.37
C ALA A 290 -27.49 18.50 -20.44
N ASN A 291 -28.39 18.41 -19.46
CA ASN A 291 -29.57 19.27 -19.41
C ASN A 291 -29.40 20.42 -18.42
N GLY A 292 -28.16 20.66 -17.99
CA GLY A 292 -27.85 21.73 -17.06
C GLY A 292 -28.24 21.49 -15.61
N GLU A 293 -28.67 20.27 -15.29
CA GLU A 293 -29.07 19.94 -13.93
C GLU A 293 -27.98 19.21 -13.15
N PRO A 294 -28.02 19.31 -11.80
CA PRO A 294 -27.01 18.63 -10.97
C PRO A 294 -27.04 17.13 -11.22
N ALA A 295 -25.91 16.57 -11.65
CA ALA A 295 -25.84 15.16 -12.03
C ALA A 295 -26.27 14.20 -10.91
N HIS A 296 -26.88 13.08 -11.31
CA HIS A 296 -27.06 11.95 -10.40
C HIS A 296 -25.87 11.01 -10.58
N THR A 297 -25.60 10.20 -9.55
CA THR A 297 -24.51 9.23 -9.66
C THR A 297 -24.95 7.93 -9.01
N GLY A 298 -24.32 6.83 -9.41
CA GLY A 298 -24.62 5.54 -8.83
C GLY A 298 -23.44 4.64 -9.09
N CYS A 299 -23.31 3.58 -8.30
CA CYS A 299 -22.20 2.66 -8.52
C CYS A 299 -22.56 1.21 -8.22
N VAL A 300 -21.85 0.32 -8.90
CA VAL A 300 -21.94 -1.09 -8.60
CA VAL A 300 -21.92 -1.10 -8.65
C VAL A 300 -20.58 -1.50 -8.07
N ALA A 301 -20.58 -2.03 -6.85
CA ALA A 301 -19.33 -2.32 -6.15
C ALA A 301 -19.17 -3.82 -5.97
N PHE A 302 -17.98 -4.33 -6.31
CA PHE A 302 -17.64 -5.73 -6.14
C PHE A 302 -16.59 -5.81 -5.02
N GLY A 303 -16.89 -6.57 -3.97
CA GLY A 303 -15.91 -6.83 -2.93
C GLY A 303 -15.05 -7.99 -3.37
N MET A 304 -13.85 -7.70 -3.86
CA MET A 304 -13.01 -8.72 -4.48
C MET A 304 -12.60 -9.84 -3.52
N ASP A 305 -12.31 -9.47 -2.27
CA ASP A 305 -11.93 -10.47 -1.29
C ASP A 305 -13.12 -11.28 -0.83
N ARG A 306 -14.27 -10.63 -0.68
CA ARG A 306 -15.46 -11.37 -0.33
C ARG A 306 -15.85 -12.33 -1.45
N LEU A 307 -15.75 -11.91 -2.70
CA LEU A 307 -16.07 -12.84 -3.82
C LEU A 307 -15.09 -14.01 -3.87
N ALA A 308 -13.81 -13.73 -3.66
CA ALA A 308 -12.80 -14.79 -3.67
C ALA A 308 -13.05 -15.80 -2.53
N VAL A 309 -13.29 -15.27 -1.33
CA VAL A 309 -13.65 -16.14 -0.20
C VAL A 309 -14.92 -16.95 -0.48
N ALA A 310 -15.93 -16.33 -1.09
CA ALA A 310 -17.15 -17.05 -1.45
C ALA A 310 -16.86 -18.19 -2.44
N MET A 311 -15.95 -17.96 -3.38
CA MET A 311 -15.57 -19.00 -4.34
C MET A 311 -14.89 -20.19 -3.66
N PHE A 312 -13.95 -19.91 -2.77
CA PHE A 312 -13.27 -20.98 -2.06
C PHE A 312 -14.20 -21.73 -1.07
N HIS A 313 -15.10 -20.99 -0.43
CA HIS A 313 -16.08 -21.60 0.47
C HIS A 313 -17.01 -22.52 -0.31
N THR A 314 -17.42 -22.07 -1.49
CA THR A 314 -18.35 -22.82 -2.31
C THR A 314 -17.66 -24.00 -2.99
N HIS A 315 -16.48 -23.76 -3.57
CA HIS A 315 -15.87 -24.75 -4.44
C HIS A 315 -14.67 -25.47 -3.88
N GLY A 316 -14.16 -25.00 -2.74
CA GLY A 316 -13.05 -25.66 -2.10
C GLY A 316 -11.73 -25.10 -2.62
N THR A 317 -10.64 -25.50 -1.98
CA THR A 317 -9.31 -24.97 -2.31
C THR A 317 -8.54 -25.76 -3.37
N ASP A 318 -9.18 -26.79 -3.94
CA ASP A 318 -8.55 -27.59 -4.99
C ASP A 318 -9.14 -27.18 -6.33
N LEU A 319 -8.41 -26.35 -7.07
CA LEU A 319 -8.96 -25.76 -8.29
C LEU A 319 -9.27 -26.80 -9.35
N SER A 320 -8.52 -27.89 -9.36
CA SER A 320 -8.73 -28.91 -10.40
C SER A 320 -10.12 -29.56 -10.26
N ALA A 321 -10.72 -29.47 -9.07
CA ALA A 321 -12.02 -30.08 -8.80
C ALA A 321 -13.19 -29.11 -8.98
N TRP A 322 -12.91 -27.84 -9.23
CA TRP A 322 -13.99 -26.88 -9.44
C TRP A 322 -14.80 -27.32 -10.65
N PRO A 323 -16.11 -27.01 -10.65
CA PRO A 323 -16.95 -27.41 -11.78
C PRO A 323 -16.43 -26.90 -13.12
N ALA A 324 -16.58 -27.74 -14.14
CA ALA A 324 -16.09 -27.43 -15.49
C ALA A 324 -16.57 -26.08 -16.00
N LYS A 325 -17.84 -25.75 -15.78
CA LYS A 325 -18.40 -24.52 -16.29
C LYS A 325 -17.79 -23.30 -15.60
N VAL A 326 -17.43 -23.46 -14.32
CA VAL A 326 -16.85 -22.37 -13.53
C VAL A 326 -15.40 -22.19 -13.95
N ARG A 327 -14.70 -23.30 -14.09
CA ARG A 327 -13.32 -23.27 -14.56
C ARG A 327 -13.27 -22.59 -15.91
N ASP A 328 -14.23 -22.91 -16.77
CA ASP A 328 -14.27 -22.32 -18.10
C ASP A 328 -14.55 -20.82 -18.04
N ILE A 329 -15.58 -20.43 -17.31
CA ILE A 329 -15.89 -19.00 -17.29
CA ILE A 329 -15.95 -19.01 -17.15
C ILE A 329 -14.75 -18.16 -16.69
N LEU A 330 -13.92 -18.75 -15.83
CA LEU A 330 -12.76 -18.05 -15.26
C LEU A 330 -11.49 -18.17 -16.11
N GLY A 331 -11.56 -18.95 -17.18
CA GLY A 331 -10.40 -19.21 -18.00
C GLY A 331 -9.32 -20.06 -17.37
N LEU A 332 -9.69 -20.90 -16.39
CA LEU A 332 -8.71 -21.80 -15.78
C LEU A 332 -8.34 -22.94 -16.73
N ALA B 37 10.71 23.68 -15.50
CA ALA B 37 9.82 22.53 -15.64
C ALA B 37 10.59 21.20 -15.73
N ASP B 38 10.16 20.23 -14.92
CA ASP B 38 10.80 18.92 -14.88
C ASP B 38 10.57 18.16 -16.19
N PRO B 39 11.60 17.44 -16.68
CA PRO B 39 11.50 16.70 -17.94
C PRO B 39 10.44 15.59 -17.94
N LEU B 40 10.05 15.11 -16.76
CA LEU B 40 9.04 14.06 -16.67
C LEU B 40 7.62 14.61 -16.76
N ASP B 41 7.47 15.91 -16.51
CA ASP B 41 6.16 16.53 -16.32
C ASP B 41 5.18 16.33 -17.46
N HIS B 42 5.68 16.35 -18.69
CA HIS B 42 4.81 16.19 -19.84
C HIS B 42 4.13 14.80 -19.88
N LEU B 43 4.63 13.86 -19.08
CA LEU B 43 4.05 12.51 -19.07
C LEU B 43 2.71 12.43 -18.33
N ALA B 44 2.46 13.39 -17.45
CA ALA B 44 1.27 13.38 -16.59
C ALA B 44 -0.03 13.27 -17.37
N ASP B 45 -0.12 14.01 -18.47
CA ASP B 45 -1.34 14.08 -19.27
C ASP B 45 -1.85 12.71 -19.69
N LYS B 46 -0.93 11.85 -20.11
CA LYS B 46 -1.29 10.52 -20.60
C LYS B 46 -1.33 9.47 -19.48
N LEU B 47 -0.64 9.71 -18.38
CA LEU B 47 -0.42 8.65 -17.39
C LEU B 47 -1.23 8.78 -16.11
N PHE B 48 -1.53 10.01 -15.71
CA PHE B 48 -2.06 10.27 -14.38
C PHE B 48 -3.18 11.29 -14.39
N HIS B 49 -3.96 11.28 -13.30
CA HIS B 49 -4.90 12.37 -13.01
C HIS B 49 -4.65 12.82 -11.60
N SER B 50 -4.85 14.12 -11.35
CA SER B 50 -4.63 14.66 -10.03
C SER B 50 -5.64 14.13 -9.02
N MET B 51 -5.18 13.83 -7.82
CA MET B 51 -6.08 13.42 -6.75
C MET B 51 -6.05 14.44 -5.61
N GLY B 52 -5.60 15.64 -5.92
CA GLY B 52 -5.58 16.73 -4.95
C GLY B 52 -4.43 16.64 -3.99
N SER B 53 -3.40 15.88 -4.33
CA SER B 53 -2.28 15.71 -3.42
C SER B 53 -0.99 15.29 -4.13
N ASP B 54 0.09 16.02 -3.86
CA ASP B 54 1.37 15.75 -4.52
C ASP B 54 1.81 14.32 -4.22
N GLY B 55 2.20 13.60 -5.25
CA GLY B 55 2.72 12.25 -5.06
C GLY B 55 1.64 11.19 -4.97
N VAL B 56 0.39 11.60 -5.13
CA VAL B 56 -0.75 10.67 -5.09
C VAL B 56 -1.62 10.88 -6.32
N TYR B 57 -1.54 9.96 -7.28
CA TYR B 57 -2.22 10.14 -8.57
C TYR B 57 -3.11 8.97 -8.94
N ALA B 58 -4.18 9.26 -9.67
CA ALA B 58 -4.97 8.20 -10.29
C ALA B 58 -4.22 7.77 -11.53
N ARG B 59 -4.27 6.49 -11.84
CA ARG B 59 -3.50 5.93 -12.94
C ARG B 59 -4.42 5.64 -14.09
N THR B 60 -4.03 6.06 -15.30
CA THR B 60 -4.84 5.83 -16.50
C THR B 60 -4.71 4.39 -16.95
N ALA B 61 -5.60 3.96 -17.85
CA ALA B 61 -5.52 2.61 -18.41
C ALA B 61 -4.18 2.37 -19.11
N LEU B 62 -3.70 3.38 -19.83
CA LEU B 62 -2.40 3.29 -20.50
C LEU B 62 -1.29 2.95 -19.50
N TYR B 63 -1.21 3.74 -18.43
CA TYR B 63 -0.17 3.57 -17.43
C TYR B 63 -0.25 2.19 -16.78
N GLU B 64 -1.46 1.79 -16.38
CA GLU B 64 -1.64 0.53 -15.67
CA GLU B 64 -1.59 0.54 -15.66
C GLU B 64 -1.35 -0.68 -16.54
N SER B 65 -1.62 -0.56 -17.84
CA SER B 65 -1.34 -1.68 -18.74
C SER B 65 0.15 -1.99 -18.73
N ILE B 66 0.99 -0.96 -18.66
CA ILE B 66 2.44 -1.14 -18.64
C ILE B 66 2.97 -1.62 -17.28
N VAL B 67 2.42 -1.10 -16.20
CA VAL B 67 2.73 -1.63 -14.86
C VAL B 67 2.42 -3.13 -14.80
N GLU B 68 1.27 -3.52 -15.31
CA GLU B 68 0.85 -4.93 -15.31
CA GLU B 68 0.90 -4.93 -15.26
C GLU B 68 1.79 -5.79 -16.15
N ARG B 69 2.20 -5.29 -17.31
CA ARG B 69 3.08 -6.05 -18.19
CA ARG B 69 3.08 -6.08 -18.17
C ARG B 69 4.48 -6.19 -17.58
N LEU B 70 4.94 -5.14 -16.91
CA LEU B 70 6.21 -5.19 -16.20
C LEU B 70 6.11 -6.19 -15.05
N ALA B 71 4.98 -6.21 -14.34
CA ALA B 71 4.81 -7.16 -13.24
C ALA B 71 4.88 -8.61 -13.75
N ALA B 72 4.24 -8.84 -14.89
CA ALA B 72 4.20 -10.17 -15.48
C ALA B 72 5.60 -10.58 -15.95
N LEU B 73 6.35 -9.62 -16.49
CA LEU B 73 7.72 -9.90 -16.91
C LEU B 73 8.58 -10.30 -15.72
N ILE B 74 8.50 -9.52 -14.64
CA ILE B 74 9.23 -9.87 -13.42
C ILE B 74 8.85 -11.26 -12.93
N THR B 75 7.56 -11.58 -12.99
CA THR B 75 7.08 -12.90 -12.59
C THR B 75 7.69 -14.00 -13.45
N SER B 76 7.87 -13.72 -14.74
CA SER B 76 8.41 -14.73 -15.66
C SER B 76 9.85 -15.09 -15.27
N HIS B 77 10.49 -14.23 -14.48
CA HIS B 77 11.85 -14.52 -14.03
C HIS B 77 11.89 -15.12 -12.63
N ARG B 78 10.74 -15.38 -12.03
CA ARG B 78 10.71 -15.94 -10.68
C ARG B 78 11.41 -17.30 -10.66
N GLU B 79 12.28 -17.52 -9.69
CA GLU B 79 12.91 -18.82 -9.56
C GLU B 79 11.96 -19.88 -9.03
N ALA B 80 12.13 -21.12 -9.46
CA ALA B 80 11.35 -22.24 -8.91
C ALA B 80 11.57 -22.34 -7.40
N GLY B 81 10.54 -22.73 -6.65
CA GLY B 81 10.65 -22.83 -5.20
C GLY B 81 10.51 -21.49 -4.45
N THR B 82 10.15 -20.44 -5.17
CA THR B 82 9.98 -19.13 -4.50
C THR B 82 8.52 -18.97 -4.13
N GLU B 83 8.25 -18.71 -2.85
CA GLU B 83 6.89 -18.62 -2.36
C GLU B 83 6.34 -17.21 -2.52
N ALA B 84 5.22 -17.07 -3.24
CA ALA B 84 4.64 -15.77 -3.55
C ALA B 84 3.56 -15.37 -2.55
N LEU B 85 3.75 -14.18 -1.95
CA LEU B 85 2.78 -13.60 -1.02
C LEU B 85 2.44 -12.18 -1.45
N ARG B 86 1.19 -11.80 -1.29
CA ARG B 86 0.79 -10.44 -1.59
C ARG B 86 0.27 -9.82 -0.31
N PHE B 87 0.81 -8.64 0.01
CA PHE B 87 0.49 -7.96 1.25
C PHE B 87 -0.41 -6.77 0.96
N PRO B 88 -1.31 -6.46 1.90
CA PRO B 88 -2.17 -5.26 1.80
C PRO B 88 -1.29 -4.02 2.04
N PRO B 89 -1.87 -2.81 1.89
CA PRO B 89 -1.08 -1.58 2.06
C PRO B 89 -0.80 -1.19 3.51
N VAL B 90 -1.32 -1.96 4.46
CA VAL B 90 -1.10 -1.70 5.88
C VAL B 90 -0.44 -2.93 6.52
N MET B 91 0.26 -2.73 7.62
CA MET B 91 0.83 -3.86 8.35
C MET B 91 0.85 -3.52 9.85
N SER B 92 1.17 -4.51 10.67
CA SER B 92 1.18 -4.32 12.11
C SER B 92 2.17 -3.24 12.51
N ARG B 93 1.71 -2.26 13.28
CA ARG B 93 2.63 -1.25 13.80
C ARG B 93 3.67 -1.89 14.72
N ALA B 94 3.25 -2.81 15.57
CA ALA B 94 4.20 -3.50 16.45
C ALA B 94 5.31 -4.20 15.66
N GLN B 95 4.94 -4.87 14.56
CA GLN B 95 5.93 -5.54 13.73
C GLN B 95 6.90 -4.56 13.09
N LEU B 96 6.38 -3.44 12.60
CA LEU B 96 7.22 -2.45 11.98
C LEU B 96 8.14 -1.80 13.02
N GLU B 97 7.61 -1.51 14.21
CA GLU B 97 8.41 -0.96 15.30
C GLU B 97 9.55 -1.91 15.66
N LYS B 98 9.21 -3.18 15.81
CA LYS B 98 10.20 -4.20 16.17
C LYS B 98 11.29 -4.33 15.10
N SER B 99 10.95 -4.01 13.85
CA SER B 99 11.90 -4.12 12.75
C SER B 99 12.91 -2.97 12.69
N GLY B 100 12.71 -1.96 13.53
CA GLY B 100 13.68 -0.89 13.66
C GLY B 100 13.48 0.27 12.71
N TYR B 101 12.33 0.29 12.02
CA TYR B 101 12.08 1.32 11.04
C TYR B 101 12.13 2.74 11.63
N LEU B 102 11.68 2.90 12.87
CA LEU B 102 11.68 4.22 13.51
C LEU B 102 13.07 4.78 13.77
N LYS B 103 14.02 3.90 14.08
CA LYS B 103 15.37 4.34 14.33
C LYS B 103 16.07 4.72 13.02
N SER B 104 15.44 4.43 11.90
CA SER B 104 16.07 4.70 10.62
C SER B 104 15.37 5.78 9.80
N PHE B 105 14.05 5.66 9.61
CA PHE B 105 13.33 6.64 8.81
C PHE B 105 12.05 7.13 9.47
N PRO B 106 12.16 7.70 10.69
CA PRO B 106 10.97 8.14 11.42
C PRO B 106 10.14 9.12 10.60
N ASN B 107 10.82 9.90 9.77
CA ASN B 107 10.19 10.94 8.98
C ASN B 107 9.31 10.44 7.83
N LEU B 108 9.48 9.18 7.43
CA LEU B 108 8.82 8.67 6.22
C LEU B 108 7.60 7.82 6.56
N LEU B 109 7.51 7.38 7.80
CA LEU B 109 6.45 6.48 8.24
C LEU B 109 5.06 7.12 8.24
N GLY B 110 4.09 6.40 7.68
CA GLY B 110 2.70 6.82 7.77
C GLY B 110 1.99 5.87 8.72
N CYS B 111 1.38 6.43 9.76
N CYS B 111 1.37 6.41 9.75
CA CYS B 111 0.63 5.63 10.74
CA CYS B 111 0.63 5.58 10.69
C CYS B 111 -0.85 5.70 10.41
C CYS B 111 -0.86 5.74 10.52
N VAL B 112 -1.61 4.68 10.83
CA VAL B 112 -3.04 4.74 10.71
C VAL B 112 -3.55 5.27 12.04
N CYS B 113 -4.36 6.32 12.00
CA CYS B 113 -5.06 6.78 13.19
CA CYS B 113 -5.07 6.76 13.19
C CYS B 113 -6.57 6.76 12.92
N GLY B 114 -7.35 6.69 13.99
CA GLY B 114 -8.79 6.67 13.84
C GLY B 114 -9.45 7.38 15.00
N LEU B 115 -10.76 7.54 14.89
CA LEU B 115 -11.60 8.05 15.99
C LEU B 115 -12.00 6.84 16.83
N HIS B 116 -11.33 6.65 17.96
CA HIS B 116 -11.51 5.44 18.74
C HIS B 116 -12.29 5.72 20.02
N GLY B 117 -12.85 6.92 20.15
CA GLY B 117 -13.48 7.31 21.41
C GLY B 117 -14.93 6.89 21.52
N THR B 118 -15.64 7.46 22.49
CA THR B 118 -17.07 7.18 22.68
C THR B 118 -17.91 7.78 21.57
N GLU B 119 -19.15 7.33 21.46
CA GLU B 119 -20.06 7.86 20.44
C GLU B 119 -20.26 9.36 20.60
N ARG B 120 -20.31 9.82 21.85
CA ARG B 120 -20.44 11.24 22.15
C ARG B 120 -19.19 12.01 21.69
N GLU B 121 -18.02 11.48 22.03
CA GLU B 121 -16.77 12.11 21.62
C GLU B 121 -16.62 12.19 20.10
N ILE B 122 -17.03 11.14 19.41
CA ILE B 122 -16.96 11.10 17.96
C ILE B 122 -17.95 12.07 17.32
N ASN B 123 -19.20 12.06 17.79
CA ASN B 123 -20.18 13.06 17.37
C ASN B 123 -19.69 14.52 17.59
N ALA B 124 -19.06 14.77 18.74
CA ALA B 124 -18.52 16.09 19.00
C ALA B 124 -17.44 16.45 17.97
N ALA B 125 -16.53 15.52 17.68
CA ALA B 125 -15.47 15.79 16.70
C ALA B 125 -16.07 16.20 15.36
N VAL B 126 -17.09 15.47 14.91
CA VAL B 126 -17.76 15.81 13.65
C VAL B 126 -18.45 17.19 13.70
N SER B 127 -19.05 17.50 14.84
CA SER B 127 -19.69 18.81 15.02
C SER B 127 -18.66 19.95 14.97
N ARG B 128 -17.47 19.72 15.50
CA ARG B 128 -16.41 20.73 15.42
C ARG B 128 -16.05 20.96 13.96
N PHE B 129 -15.96 19.87 13.21
CA PHE B 129 -15.74 19.94 11.77
C PHE B 129 -16.84 20.76 11.09
N ASP B 130 -18.10 20.45 11.42
CA ASP B 130 -19.25 21.17 10.87
C ASP B 130 -19.13 22.68 11.16
N ALA B 131 -18.52 23.01 12.28
CA ALA B 131 -18.49 24.41 12.74
C ALA B 131 -17.14 25.08 12.50
N GLY B 132 -16.42 24.58 11.49
CA GLY B 132 -15.20 25.22 11.01
C GLY B 132 -13.92 24.82 11.75
N GLY B 133 -14.02 23.87 12.66
CA GLY B 133 -12.88 23.48 13.49
C GLY B 133 -12.24 22.22 12.96
N ASP B 134 -11.38 21.59 13.77
CA ASP B 134 -10.53 20.50 13.33
C ASP B 134 -10.95 19.24 14.04
N TRP B 135 -11.63 18.34 13.33
CA TRP B 135 -12.06 17.08 13.92
C TRP B 135 -10.89 16.16 14.27
N THR B 136 -9.72 16.41 13.70
CA THR B 136 -8.62 15.42 13.82
C THR B 136 -7.99 15.41 15.21
N THR B 137 -8.37 16.37 16.05
CA THR B 137 -7.86 16.40 17.42
C THR B 137 -8.41 15.18 18.19
N SER B 138 -9.45 14.54 17.68
CA SER B 138 -10.00 13.35 18.34
C SER B 138 -9.38 12.01 17.86
N LEU B 139 -8.39 12.09 16.97
CA LEU B 139 -7.74 10.90 16.41
C LEU B 139 -6.80 10.30 17.43
N SER B 140 -6.66 8.97 17.40
CA SER B 140 -5.66 8.30 18.19
C SER B 140 -5.10 7.14 17.35
N PRO B 141 -3.88 6.72 17.64
CA PRO B 141 -3.21 5.77 16.74
C PRO B 141 -3.90 4.43 16.77
N ALA B 142 -4.01 3.78 15.60
CA ALA B 142 -4.47 2.39 15.54
C ALA B 142 -3.24 1.50 15.72
N ASP B 143 -3.44 0.19 15.59
CA ASP B 143 -2.34 -0.78 15.70
C ASP B 143 -1.73 -1.09 14.34
N LEU B 144 -1.96 -0.22 13.37
CA LEU B 144 -1.51 -0.46 12.00
C LEU B 144 -0.71 0.73 11.47
N VAL B 145 0.23 0.46 10.57
CA VAL B 145 0.85 1.53 9.80
C VAL B 145 0.70 1.21 8.33
N LEU B 146 0.97 2.21 7.50
CA LEU B 146 1.06 1.98 6.07
CA LEU B 146 1.08 2.03 6.06
C LEU B 146 2.46 1.42 5.82
N SER B 147 2.53 0.35 5.05
CA SER B 147 3.83 -0.33 4.85
C SER B 147 4.80 0.51 4.04
N PRO B 148 6.00 0.70 4.58
CA PRO B 148 7.01 1.51 3.87
C PRO B 148 7.82 0.67 2.89
N ALA B 149 7.75 -0.64 3.03
CA ALA B 149 8.46 -1.54 2.10
C ALA B 149 7.76 -2.89 2.08
N ALA B 150 7.76 -3.53 0.91
CA ALA B 150 7.01 -4.76 0.74
C ALA B 150 7.51 -5.90 1.60
N CYS B 151 8.80 -5.94 1.91
CA CYS B 151 9.31 -7.14 2.55
C CYS B 151 9.11 -7.23 4.05
N TYR B 152 8.89 -6.11 4.75
CA TYR B 152 8.80 -6.16 6.21
C TYR B 152 7.93 -7.26 6.81
N PRO B 153 6.69 -7.43 6.30
CA PRO B 153 5.86 -8.47 6.92
C PRO B 153 6.35 -9.89 6.73
N VAL B 154 7.28 -10.13 5.80
CA VAL B 154 7.60 -11.53 5.51
C VAL B 154 8.51 -12.18 6.56
N TYR B 155 9.32 -11.37 7.24
CA TYR B 155 10.26 -11.91 8.24
C TYR B 155 9.56 -12.62 9.42
N PRO B 156 8.55 -11.98 10.05
CA PRO B 156 7.82 -12.71 11.08
C PRO B 156 7.07 -13.93 10.58
N ILE B 157 6.58 -13.87 9.35
CA ILE B 157 5.97 -15.03 8.75
C ILE B 157 7.01 -16.16 8.63
N ALA B 158 8.17 -15.85 8.05
CA ALA B 158 9.23 -16.86 7.95
C ALA B 158 9.59 -17.43 9.33
N ALA B 159 9.77 -16.54 10.30
CA ALA B 159 10.18 -16.93 11.66
C ALA B 159 9.23 -17.96 12.30
N SER B 160 7.94 -17.83 12.02
CA SER B 160 6.93 -18.67 12.65
C SER B 160 7.03 -20.13 12.22
N ARG B 161 7.86 -20.40 11.22
CA ARG B 161 7.95 -21.75 10.68
C ARG B 161 9.10 -22.56 11.27
N GLY B 162 9.87 -21.97 12.19
CA GLY B 162 10.96 -22.70 12.80
C GLY B 162 12.26 -22.54 12.04
N PRO B 163 13.24 -23.43 12.30
CA PRO B 163 14.55 -23.29 11.66
C PRO B 163 14.49 -23.37 10.12
N LEU B 164 15.35 -22.62 9.45
CA LEU B 164 15.36 -22.62 7.99
C LEU B 164 15.85 -23.95 7.46
N PRO B 165 15.31 -24.40 6.32
CA PRO B 165 15.90 -25.58 5.67
C PRO B 165 17.24 -25.22 5.05
N LYS B 166 18.06 -26.21 4.71
CA LYS B 166 19.33 -25.93 4.05
C LYS B 166 19.05 -25.24 2.74
N GLY B 167 19.79 -24.17 2.45
CA GLY B 167 19.56 -23.40 1.24
C GLY B 167 18.66 -22.19 1.50
N GLY B 168 18.01 -22.16 2.65
CA GLY B 168 17.20 -21.02 3.06
C GLY B 168 15.81 -21.00 2.45
N LEU B 169 15.12 -19.87 2.55
CA LEU B 169 13.80 -19.69 1.96
C LEU B 169 13.85 -18.53 0.98
N ARG B 170 13.02 -18.59 -0.06
CA ARG B 170 12.91 -17.49 -1.02
C ARG B 170 11.45 -17.05 -1.07
N PHE B 171 11.21 -15.75 -1.10
CA PHE B 171 9.86 -15.23 -1.20
C PHE B 171 9.74 -14.22 -2.34
N ASP B 172 8.55 -14.16 -2.92
CA ASP B 172 8.16 -13.17 -3.91
C ASP B 172 7.07 -12.36 -3.22
N VAL B 173 7.34 -11.10 -2.91
CA VAL B 173 6.36 -10.32 -2.17
C VAL B 173 6.04 -9.04 -2.93
N ALA B 174 4.87 -8.48 -2.67
CA ALA B 174 4.49 -7.21 -3.30
C ALA B 174 3.52 -6.47 -2.40
N ALA B 175 3.51 -5.15 -2.48
CA ALA B 175 2.62 -4.36 -1.67
C ALA B 175 2.58 -2.96 -2.26
N ASP B 176 1.46 -2.28 -2.04
CA ASP B 176 1.43 -0.83 -2.22
C ASP B 176 2.09 -0.22 -1.00
N CYS B 177 3.18 0.53 -1.20
CA CYS B 177 3.93 1.07 -0.09
C CYS B 177 3.68 2.55 0.06
N PHE B 178 4.00 3.07 1.23
CA PHE B 178 3.78 4.47 1.51
C PHE B 178 5.01 5.08 2.17
N ARG B 179 5.46 6.23 1.66
CA ARG B 179 6.53 7.01 2.28
C ARG B 179 6.14 8.47 2.27
N ARG B 180 6.21 9.11 3.43
CA ARG B 180 5.75 10.49 3.54
C ARG B 180 6.81 11.42 3.00
N GLU B 181 6.87 11.54 1.68
CA GLU B 181 7.81 12.44 1.03
C GLU B 181 7.12 13.12 -0.15
N PRO B 182 6.22 14.07 0.15
CA PRO B 182 5.47 14.79 -0.88
C PRO B 182 6.42 15.44 -1.87
N SER B 183 6.10 15.31 -3.15
CA SER B 183 6.91 15.89 -4.19
C SER B 183 6.06 15.99 -5.44
N LYS B 184 6.41 16.92 -6.33
CA LYS B 184 5.67 17.07 -7.59
C LYS B 184 6.30 16.27 -8.72
N HIS B 185 7.48 15.72 -8.51
CA HIS B 185 8.16 14.93 -9.54
C HIS B 185 7.50 13.54 -9.68
N LEU B 186 7.24 13.14 -10.92
CA LEU B 186 6.51 11.91 -11.19
C LEU B 186 7.28 10.64 -10.80
N ASP B 187 8.58 10.79 -10.51
CA ASP B 187 9.38 9.67 -10.01
C ASP B 187 9.54 9.67 -8.49
N ARG B 188 8.86 10.57 -7.80
CA ARG B 188 8.87 10.50 -6.35
C ARG B 188 7.46 10.58 -5.82
N LEU B 189 6.87 9.42 -5.55
CA LEU B 189 5.49 9.36 -5.09
C LEU B 189 5.42 9.13 -3.60
N GLN B 190 4.26 9.36 -3.01
CA GLN B 190 4.07 8.98 -1.61
C GLN B 190 3.49 7.57 -1.53
N SER B 191 2.68 7.19 -2.51
CA SER B 191 2.07 5.85 -2.55
C SER B 191 2.54 5.20 -3.84
N PHE B 192 3.20 4.05 -3.73
CA PHE B 192 3.79 3.43 -4.90
C PHE B 192 3.93 1.91 -4.70
N ARG B 193 4.01 1.20 -5.81
CA ARG B 193 4.09 -0.27 -5.80
C ARG B 193 5.51 -0.77 -5.76
N MET B 194 5.77 -1.74 -4.88
CA MET B 194 7.09 -2.34 -4.79
C MET B 194 6.90 -3.84 -4.95
N ARG B 195 7.81 -4.48 -5.67
CA ARG B 195 7.80 -5.93 -5.89
C ARG B 195 9.19 -6.38 -5.48
N GLU B 196 9.27 -7.43 -4.68
CA GLU B 196 10.58 -7.89 -4.21
C GLU B 196 10.73 -9.40 -4.27
N TYR B 197 11.94 -9.86 -4.52
CA TYR B 197 12.30 -11.24 -4.25
C TYR B 197 13.19 -11.18 -3.02
N VAL B 198 12.91 -12.05 -2.05
CA VAL B 198 13.55 -11.96 -0.74
C VAL B 198 14.22 -13.30 -0.46
N CYS B 199 15.44 -13.26 0.07
CA CYS B 199 16.19 -14.46 0.43
C CYS B 199 16.47 -14.47 1.94
N ILE B 200 16.20 -15.60 2.58
CA ILE B 200 16.45 -15.73 4.00
C ILE B 200 17.26 -17.00 4.18
N GLY B 201 18.49 -16.88 4.70
CA GLY B 201 19.35 -18.05 4.87
C GLY B 201 20.70 -17.69 5.48
N THR B 202 21.73 -18.45 5.14
CA THR B 202 23.10 -18.15 5.58
C THR B 202 23.62 -16.95 4.81
N PRO B 203 24.74 -16.36 5.28
CA PRO B 203 25.36 -15.26 4.52
C PRO B 203 25.63 -15.66 3.08
N ASP B 204 26.05 -16.91 2.87
CA ASP B 204 26.40 -17.37 1.53
C ASP B 204 25.16 -17.52 0.65
N ASP B 205 24.07 -18.03 1.23
CA ASP B 205 22.81 -18.14 0.49
C ASP B 205 22.42 -16.75 -0.01
N VAL B 206 22.48 -15.78 0.88
CA VAL B 206 22.05 -14.43 0.53
C VAL B 206 22.98 -13.75 -0.47
N SER B 207 24.31 -13.86 -0.32
CA SER B 207 25.23 -13.22 -1.26
CA SER B 207 25.20 -13.20 -1.27
C SER B 207 25.07 -13.79 -2.67
N ASP B 208 24.89 -15.12 -2.74
CA ASP B 208 24.68 -15.78 -4.03
C ASP B 208 23.41 -15.28 -4.70
N PHE B 209 22.35 -15.18 -3.91
CA PHE B 209 21.05 -14.67 -4.38
C PHE B 209 21.21 -13.25 -4.92
N ARG B 210 21.83 -12.37 -4.13
CA ARG B 210 21.97 -10.99 -4.60
C ARG B 210 22.80 -10.89 -5.88
N GLU B 211 23.88 -11.66 -5.94
CA GLU B 211 24.76 -11.64 -7.10
C GLU B 211 23.96 -12.05 -8.33
N ARG B 212 23.23 -13.15 -8.25
CA ARG B 212 22.44 -13.57 -9.40
C ARG B 212 21.34 -12.58 -9.78
N TRP B 213 20.73 -11.95 -8.78
CA TRP B 213 19.67 -10.99 -9.12
C TRP B 213 20.20 -9.68 -9.68
N MET B 214 21.40 -9.30 -9.28
CA MET B 214 22.00 -8.12 -9.87
C MET B 214 22.27 -8.32 -11.36
N VAL B 215 22.70 -9.53 -11.73
CA VAL B 215 22.89 -9.84 -13.14
C VAL B 215 21.56 -9.89 -13.86
N ARG B 216 20.59 -10.59 -13.29
CA ARG B 216 19.32 -10.77 -13.99
C ARG B 216 18.52 -9.47 -14.14
N ALA B 217 18.60 -8.61 -13.13
CA ALA B 217 17.85 -7.36 -13.16
C ALA B 217 18.40 -6.47 -14.27
N GLN B 218 19.71 -6.49 -14.46
CA GLN B 218 20.34 -5.72 -15.54
C GLN B 218 19.94 -6.25 -16.90
N ALA B 219 19.85 -7.57 -17.02
CA ALA B 219 19.38 -8.18 -18.27
C ALA B 219 17.97 -7.73 -18.57
N ILE B 220 17.13 -7.69 -17.54
CA ILE B 220 15.75 -7.24 -17.73
C ILE B 220 15.71 -5.79 -18.19
N ALA B 221 16.45 -4.93 -17.48
CA ALA B 221 16.49 -3.51 -17.83
C ALA B 221 16.98 -3.36 -19.25
N ARG B 222 18.01 -4.13 -19.60
CA ARG B 222 18.57 -4.13 -20.94
C ARG B 222 17.53 -4.59 -21.95
N ASP B 223 16.81 -5.68 -21.65
CA ASP B 223 15.73 -6.16 -22.53
C ASP B 223 14.64 -5.12 -22.72
N LEU B 224 14.43 -4.29 -21.70
CA LEU B 224 13.40 -3.23 -21.75
C LEU B 224 13.91 -1.99 -22.47
N GLY B 225 15.18 -2.02 -22.89
CA GLY B 225 15.75 -0.93 -23.66
C GLY B 225 16.01 0.30 -22.82
N LEU B 226 16.29 0.10 -21.54
CA LEU B 226 16.53 1.21 -20.63
C LEU B 226 18.02 1.47 -20.51
N THR B 227 18.36 2.74 -20.32
CA THR B 227 19.72 3.17 -20.07
C THR B 227 19.92 3.25 -18.58
N PHE B 228 20.92 2.55 -18.06
CA PHE B 228 21.07 2.46 -16.63
C PHE B 228 22.50 2.18 -16.24
N ARG B 229 22.78 2.41 -14.97
CA ARG B 229 24.02 1.98 -14.36
CA ARG B 229 24.02 1.96 -14.37
C ARG B 229 23.69 1.38 -13.00
N VAL B 230 24.54 0.48 -12.52
CA VAL B 230 24.37 -0.08 -11.20
C VAL B 230 25.49 0.45 -10.32
N ASP B 231 25.12 1.02 -9.18
CA ASP B 231 26.08 1.70 -8.32
C ASP B 231 25.83 1.36 -6.86
N TYR B 232 26.90 1.40 -6.07
CA TYR B 232 26.81 1.28 -4.61
C TYR B 232 25.97 2.45 -4.15
N ALA B 233 25.28 2.31 -3.02
CA ALA B 233 24.39 3.35 -2.57
C ALA B 233 24.08 3.23 -1.09
N SER B 234 23.25 4.13 -0.58
CA SER B 234 22.85 4.05 0.82
C SER B 234 21.39 4.47 0.99
N ASP B 235 20.76 4.00 2.07
CA ASP B 235 19.41 4.45 2.41
C ASP B 235 19.52 5.81 3.11
N PRO B 236 18.49 6.66 2.99
CA PRO B 236 18.59 7.98 3.64
C PRO B 236 18.25 7.92 5.14
N PHE B 237 19.16 7.37 5.93
CA PHE B 237 18.96 7.25 7.36
C PHE B 237 18.82 8.66 7.96
N PHE B 238 18.03 8.76 9.02
CA PHE B 238 17.65 10.05 9.60
C PHE B 238 18.62 10.53 10.66
N GLY B 239 18.86 11.84 10.68
CA GLY B 239 19.68 12.44 11.72
C GLY B 239 21.18 12.25 11.53
N ARG B 240 21.96 12.90 12.39
CA ARG B 240 23.42 12.86 12.30
C ARG B 240 23.98 11.45 12.40
N VAL B 241 23.56 10.72 13.42
CA VAL B 241 23.99 9.32 13.58
C VAL B 241 23.60 8.48 12.37
N GLY B 242 22.46 8.82 11.77
CA GLY B 242 22.00 8.15 10.56
C GLY B 242 22.97 8.32 9.41
N GLN B 243 23.51 9.53 9.28
CA GLN B 243 24.50 9.84 8.25
C GLN B 243 25.71 8.92 8.34
N MET B 244 26.02 8.50 9.55
CA MET B 244 27.15 7.60 9.77
C MET B 244 26.79 6.18 9.37
N LYS B 245 25.58 5.76 9.74
CA LYS B 245 25.05 4.47 9.33
C LYS B 245 25.08 4.34 7.81
N ALA B 246 24.80 5.45 7.13
CA ALA B 246 24.85 5.50 5.67
C ALA B 246 26.27 5.28 5.18
N VAL B 247 27.23 5.87 5.88
CA VAL B 247 28.63 5.74 5.52
C VAL B 247 29.06 4.30 5.60
N SER B 248 28.74 3.65 6.72
CA SER B 248 29.08 2.26 6.93
C SER B 248 28.44 1.41 5.84
N GLN B 249 27.19 1.73 5.52
CA GLN B 249 26.42 0.97 4.53
C GLN B 249 27.07 1.03 3.17
N LYS B 250 27.50 2.23 2.77
CA LYS B 250 28.20 2.40 1.50
C LYS B 250 29.53 1.66 1.54
N GLN B 251 30.20 1.73 2.69
CA GLN B 251 31.51 1.10 2.85
C GLN B 251 31.40 -0.42 2.79
N GLN B 252 30.34 -0.96 3.39
CA GLN B 252 30.11 -2.40 3.38
C GLN B 252 29.45 -2.87 2.10
N GLN B 253 29.14 -1.93 1.20
CA GLN B 253 28.48 -2.23 -0.07
C GLN B 253 27.22 -3.09 0.15
N LEU B 254 26.43 -2.71 1.14
CA LEU B 254 25.22 -3.45 1.49
C LEU B 254 24.05 -3.14 0.55
N LYS B 255 24.16 -2.06 -0.22
CA LYS B 255 23.06 -1.66 -1.08
C LYS B 255 23.53 -1.23 -2.45
N PHE B 256 23.03 -1.90 -3.48
CA PHE B 256 23.21 -1.42 -4.84
C PHE B 256 21.87 -0.92 -5.38
N GLU B 257 21.94 0.01 -6.32
CA GLU B 257 20.76 0.50 -6.98
C GLU B 257 20.97 0.47 -8.46
N LEU B 258 19.90 0.21 -9.19
CA LEU B 258 19.91 0.37 -10.63
C LEU B 258 19.32 1.73 -10.92
N LEU B 259 20.15 2.58 -11.52
CA LEU B 259 19.84 3.98 -11.66
C LEU B 259 19.60 4.34 -13.12
N ILE B 260 18.52 5.07 -13.37
CA ILE B 260 18.15 5.44 -14.72
C ILE B 260 18.05 6.95 -14.76
N PRO B 261 18.70 7.57 -15.75
CA PRO B 261 18.65 9.04 -15.88
C PRO B 261 17.28 9.44 -16.42
N LEU B 262 16.46 10.09 -15.59
CA LEU B 262 15.15 10.52 -16.05
C LEU B 262 15.11 12.05 -16.26
N ARG B 263 15.41 12.83 -15.24
CA ARG B 263 15.49 14.28 -15.43
C ARG B 263 16.88 14.67 -15.89
N SER B 264 17.88 13.98 -15.36
CA SER B 264 19.26 14.21 -15.75
C SER B 264 20.14 13.02 -15.39
N GLU B 265 21.36 13.01 -15.91
CA GLU B 265 22.31 11.96 -15.60
C GLU B 265 23.07 12.26 -14.30
N GLU B 266 22.89 13.48 -13.79
CA GLU B 266 23.57 13.89 -12.56
C GLU B 266 22.80 13.40 -11.34
N GLN B 267 21.48 13.40 -11.46
CA GLN B 267 20.59 12.90 -10.42
C GLN B 267 19.68 11.83 -11.02
N PRO B 268 20.22 10.62 -11.27
CA PRO B 268 19.40 9.58 -11.88
C PRO B 268 18.42 9.00 -10.86
N THR B 269 17.47 8.19 -11.32
CA THR B 269 16.41 7.72 -10.45
C THR B 269 16.62 6.22 -10.15
N ALA B 270 16.65 5.85 -8.87
CA ALA B 270 16.85 4.46 -8.50
C ALA B 270 15.55 3.68 -8.71
N CYS B 271 15.58 2.74 -9.64
CA CYS B 271 14.37 2.02 -10.05
C CYS B 271 14.37 0.58 -9.52
N MET B 272 15.54 0.08 -9.17
CA MET B 272 15.66 -1.18 -8.45
C MET B 272 16.70 -1.01 -7.38
N SER B 273 16.60 -1.81 -6.32
CA SER B 273 17.65 -1.87 -5.32
C SER B 273 17.99 -3.32 -4.98
N PHE B 274 19.21 -3.54 -4.54
CA PHE B 274 19.68 -4.87 -4.21
C PHE B 274 20.30 -4.77 -2.84
N ASN B 275 19.58 -5.28 -1.84
CA ASN B 275 19.90 -4.97 -0.46
C ASN B 275 20.37 -6.18 0.33
N TYR B 276 21.48 -6.03 1.04
CA TYR B 276 21.94 -7.05 1.96
C TYR B 276 21.74 -6.50 3.38
N HIS B 277 20.99 -7.23 4.21
CA HIS B 277 20.64 -6.75 5.54
C HIS B 277 21.51 -7.36 6.63
N ARG B 278 22.45 -8.21 6.22
CA ARG B 278 23.18 -9.06 7.14
CA ARG B 278 23.18 -9.05 7.15
C ARG B 278 22.22 -9.76 8.09
N GLU B 279 22.54 -9.79 9.38
CA GLU B 279 21.71 -10.52 10.33
C GLU B 279 20.61 -9.71 11.02
N HIS B 280 20.38 -8.49 10.58
CA HIS B 280 19.40 -7.61 11.24
C HIS B 280 18.03 -8.26 11.49
N PHE B 281 17.40 -8.75 10.43
CA PHE B 281 16.07 -9.33 10.58
C PHE B 281 16.11 -10.71 11.20
N GLY B 282 17.18 -11.45 10.92
CA GLY B 282 17.33 -12.77 11.50
C GLY B 282 17.39 -12.69 13.02
N THR B 283 18.16 -11.74 13.54
CA THR B 283 18.29 -11.52 14.97
CA THR B 283 18.27 -11.57 14.98
C THR B 283 16.97 -11.01 15.56
N THR B 284 16.45 -9.94 14.96
CA THR B 284 15.19 -9.35 15.39
C THR B 284 14.08 -10.36 15.55
N TRP B 285 13.94 -11.25 14.58
CA TRP B 285 12.79 -12.16 14.56
C TRP B 285 13.12 -13.56 15.04
N GLY B 286 14.37 -13.77 15.44
CA GLY B 286 14.79 -15.07 15.93
C GLY B 286 14.79 -16.13 14.84
N ILE B 287 15.18 -15.74 13.62
CA ILE B 287 15.25 -16.72 12.54
C ILE B 287 16.64 -17.36 12.59
N GLN B 288 16.69 -18.69 12.72
CA GLN B 288 17.97 -19.40 12.76
C GLN B 288 18.16 -20.17 11.47
N ASP B 289 19.34 -20.08 10.86
CA ASP B 289 19.59 -20.82 9.63
C ASP B 289 19.79 -22.30 9.94
N ALA B 290 20.05 -23.11 8.92
CA ALA B 290 20.17 -24.55 9.10
C ALA B 290 21.34 -24.98 10.01
N ASN B 291 22.31 -24.09 10.20
CA ASN B 291 23.43 -24.32 11.12
C ASN B 291 23.23 -23.72 12.51
N GLY B 292 22.01 -23.23 12.78
CA GLY B 292 21.68 -22.74 14.10
C GLY B 292 22.12 -21.33 14.40
N GLU B 293 22.62 -20.62 13.40
CA GLU B 293 23.07 -19.25 13.57
C GLU B 293 21.96 -18.28 13.14
N PRO B 294 21.98 -17.04 13.64
CA PRO B 294 20.97 -16.06 13.22
C PRO B 294 21.03 -15.82 11.72
N ALA B 295 19.90 -16.01 11.05
CA ALA B 295 19.84 -15.95 9.58
C ALA B 295 20.19 -14.59 9.05
N HIS B 296 20.77 -14.56 7.84
CA HIS B 296 20.97 -13.32 7.12
C HIS B 296 19.81 -13.18 6.13
N THR B 297 19.54 -11.97 5.69
CA THR B 297 18.50 -11.80 4.70
C THR B 297 18.93 -10.76 3.69
N GLY B 298 18.29 -10.76 2.54
CA GLY B 298 18.52 -9.73 1.57
C GLY B 298 17.33 -9.70 0.64
N CYS B 299 17.26 -8.67 -0.20
CA CYS B 299 16.15 -8.58 -1.12
C CYS B 299 16.54 -7.78 -2.35
N VAL B 300 15.89 -8.11 -3.47
CA VAL B 300 15.97 -7.31 -4.68
C VAL B 300 14.60 -6.68 -4.84
N ALA B 301 14.56 -5.36 -4.98
CA ALA B 301 13.31 -4.61 -5.01
C ALA B 301 13.15 -3.90 -6.33
N PHE B 302 11.97 -4.00 -6.92
CA PHE B 302 11.64 -3.32 -8.15
C PHE B 302 10.60 -2.25 -7.83
N GLY B 303 10.89 -1.00 -8.18
CA GLY B 303 9.91 0.06 -8.05
C GLY B 303 9.03 0.06 -9.28
N MET B 304 7.81 -0.46 -9.13
CA MET B 304 6.96 -0.66 -10.31
C MET B 304 6.55 0.66 -10.98
N ASP B 305 6.26 1.66 -10.16
CA ASP B 305 5.87 2.95 -10.73
C ASP B 305 7.04 3.68 -11.37
N ARG B 306 8.22 3.58 -10.75
CA ARG B 306 9.42 4.19 -11.34
C ARG B 306 9.79 3.48 -12.64
N LEU B 307 9.71 2.16 -12.65
CA LEU B 307 9.98 1.41 -13.88
C LEU B 307 9.01 1.81 -14.99
N ALA B 308 7.73 1.91 -14.66
CA ALA B 308 6.74 2.33 -15.65
C ALA B 308 7.01 3.75 -16.16
N VAL B 309 7.27 4.68 -15.25
CA VAL B 309 7.62 6.04 -15.65
C VAL B 309 8.91 6.04 -16.50
N ALA B 310 9.92 5.26 -16.08
CA ALA B 310 11.14 5.14 -16.86
C ALA B 310 10.84 4.65 -18.28
N MET B 311 9.93 3.69 -18.43
CA MET B 311 9.56 3.17 -19.75
C MET B 311 8.91 4.24 -20.61
N PHE B 312 7.96 4.98 -20.06
CA PHE B 312 7.29 6.01 -20.85
C PHE B 312 8.20 7.18 -21.19
N HIS B 313 9.10 7.51 -20.27
CA HIS B 313 10.06 8.59 -20.53
C HIS B 313 10.98 8.17 -21.66
N THR B 314 11.43 6.93 -21.60
CA THR B 314 12.41 6.41 -22.53
C THR B 314 11.81 6.20 -23.92
N HIS B 315 10.60 5.63 -23.96
CA HIS B 315 10.02 5.18 -25.23
C HIS B 315 8.81 5.99 -25.70
N GLY B 316 8.39 6.98 -24.92
CA GLY B 316 7.23 7.78 -25.29
C GLY B 316 5.91 7.12 -24.94
N THR B 317 4.81 7.83 -25.13
CA THR B 317 3.51 7.35 -24.67
C THR B 317 2.71 6.65 -25.76
N ASP B 318 3.32 6.51 -26.93
CA ASP B 318 2.68 5.78 -28.03
C ASP B 318 3.28 4.38 -28.06
N LEU B 319 2.51 3.39 -27.61
CA LEU B 319 3.01 2.02 -27.48
C LEU B 319 3.36 1.38 -28.83
N SER B 320 2.65 1.77 -29.88
CA SER B 320 2.89 1.21 -31.21
C SER B 320 4.24 1.67 -31.78
N ALA B 321 4.79 2.73 -31.20
CA ALA B 321 6.08 3.25 -31.61
C ALA B 321 7.24 2.69 -30.80
N TRP B 322 6.95 1.86 -29.81
CA TRP B 322 8.00 1.24 -28.99
C TRP B 322 8.80 0.25 -29.82
N PRO B 323 10.09 0.09 -29.51
CA PRO B 323 10.93 -0.88 -30.21
C PRO B 323 10.32 -2.29 -30.19
N ALA B 324 10.55 -3.06 -31.26
CA ALA B 324 9.90 -4.35 -31.42
C ALA B 324 10.36 -5.38 -30.40
N LYS B 325 11.63 -5.31 -30.02
CA LYS B 325 12.19 -6.21 -29.01
C LYS B 325 11.52 -5.93 -27.66
N VAL B 326 11.21 -4.66 -27.42
CA VAL B 326 10.60 -4.27 -26.15
C VAL B 326 9.13 -4.67 -26.12
N ARG B 327 8.41 -4.39 -27.21
CA ARG B 327 7.03 -4.84 -27.33
C ARG B 327 6.92 -6.36 -27.20
N ASP B 328 7.89 -7.08 -27.76
CA ASP B 328 7.90 -8.52 -27.72
C ASP B 328 8.12 -9.03 -26.29
N ILE B 329 9.15 -8.48 -25.64
CA ILE B 329 9.52 -8.86 -24.28
C ILE B 329 8.35 -8.67 -23.30
N LEU B 330 7.55 -7.63 -23.52
CA LEU B 330 6.41 -7.32 -22.67
C LEU B 330 5.15 -8.04 -23.10
N GLY B 331 5.21 -8.75 -24.22
CA GLY B 331 4.04 -9.42 -24.75
C GLY B 331 3.00 -8.46 -25.28
N LEU B 332 3.46 -7.33 -25.83
CA LEU B 332 2.55 -6.32 -26.38
C LEU B 332 2.05 -6.71 -27.76
N GLN B 333 2.86 -7.46 -28.49
CA GLN B 333 2.58 -7.87 -29.88
C GLN B 333 2.54 -6.70 -30.85
N LYS C 54 -46.11 4.26 0.74
CA LYS C 54 -46.66 4.40 2.09
C LYS C 54 -46.10 5.64 2.79
N LEU C 55 -45.47 5.42 3.94
CA LEU C 55 -44.92 6.52 4.74
C LEU C 55 -43.80 7.27 4.00
N VAL C 56 -43.13 6.57 3.08
CA VAL C 56 -42.01 7.17 2.33
C VAL C 56 -42.41 7.61 0.93
N ASP C 57 -43.60 7.22 0.49
CA ASP C 57 -44.09 7.59 -0.83
C ASP C 57 -44.69 9.00 -0.80
N VAL C 58 -44.92 9.51 0.41
CA VAL C 58 -45.46 10.85 0.59
C VAL C 58 -44.51 11.91 0.03
N GLY C 59 -43.21 11.61 0.09
CA GLY C 59 -42.18 12.53 -0.36
C GLY C 59 -41.12 12.71 0.70
N LEU C 60 -41.29 11.98 1.80
CA LEU C 60 -40.35 12.03 2.92
C LEU C 60 -39.04 11.33 2.60
N THR C 61 -38.01 12.11 2.28
CA THR C 61 -36.68 11.57 2.11
C THR C 61 -35.94 11.63 3.45
N SER C 62 -34.64 11.38 3.41
CA SER C 62 -33.87 11.19 4.63
C SER C 62 -33.78 12.41 5.52
N MET C 63 -33.33 13.53 4.95
CA MET C 63 -33.24 14.79 5.68
C MET C 63 -34.61 15.18 6.21
N ASP C 64 -35.65 14.73 5.50
CA ASP C 64 -37.02 14.92 5.91
C ASP C 64 -37.42 13.91 6.99
N MET C 65 -36.85 12.70 6.90
CA MET C 65 -37.10 11.67 7.89
C MET C 65 -36.29 11.91 9.17
N VAL C 66 -35.19 12.63 9.03
CA VAL C 66 -34.37 12.98 10.19
C VAL C 66 -35.14 13.89 11.12
N ASN C 67 -35.78 14.91 10.56
CA ASN C 67 -36.59 15.84 11.35
C ASN C 67 -37.77 15.15 12.02
N LEU C 68 -38.22 14.04 11.42
CA LEU C 68 -39.32 13.25 11.99
C LEU C 68 -38.82 12.45 13.19
N MET C 69 -37.54 12.08 13.16
CA MET C 69 -36.91 11.41 14.28
C MET C 69 -36.78 12.42 15.44
N LEU C 70 -36.44 13.65 15.07
CA LEU C 70 -36.24 14.72 16.05
C LEU C 70 -37.54 15.41 16.46
N GLY C 71 -38.64 15.05 15.81
CA GLY C 71 -39.94 15.61 16.13
C GLY C 71 -40.61 14.86 17.26
N VAL C 72 -40.49 13.54 17.24
CA VAL C 72 -41.08 12.69 18.26
C VAL C 72 -40.12 12.46 19.42
N GLU C 84 -33.74 -0.83 18.34
CA GLU C 84 -34.92 -0.04 18.66
C GLU C 84 -35.59 0.49 17.39
N ILE C 85 -34.92 1.41 16.71
CA ILE C 85 -35.44 1.97 15.46
C ILE C 85 -35.22 1.01 14.29
N THR C 86 -36.28 0.30 13.91
CA THR C 86 -36.20 -0.71 12.86
C THR C 86 -36.99 -0.30 11.63
N PRO C 87 -36.65 -0.87 10.46
CA PRO C 87 -37.42 -0.61 9.23
C PRO C 87 -38.77 -1.32 9.20
N GLU C 88 -39.54 -1.21 10.29
CA GLU C 88 -40.83 -1.85 10.38
C GLU C 88 -41.85 -0.94 11.07
N ASN C 89 -41.43 -0.33 12.17
CA ASN C 89 -42.32 0.52 12.96
C ASN C 89 -42.43 1.93 12.39
N PHE C 90 -41.94 2.11 11.17
CA PHE C 90 -41.94 3.43 10.52
C PHE C 90 -42.46 3.33 9.09
N ASP D 27 51.70 13.30 17.09
CA ASP D 27 50.58 12.48 16.65
C ASP D 27 49.93 11.77 17.84
N VAL D 28 49.43 12.56 18.79
CA VAL D 28 48.68 12.01 19.92
C VAL D 28 47.35 11.47 19.42
N ARG D 29 46.81 12.13 18.40
CA ARG D 29 45.53 11.73 17.81
C ARG D 29 45.58 10.31 17.26
N ASN D 30 46.57 10.04 16.41
CA ASN D 30 46.72 8.73 15.79
C ASN D 30 46.76 7.57 16.79
N ARG D 31 47.60 7.70 17.81
CA ARG D 31 47.76 6.66 18.81
C ARG D 31 46.47 6.44 19.60
N ILE D 32 45.71 7.51 19.80
CA ILE D 32 44.45 7.45 20.53
C ILE D 32 43.34 6.83 19.67
N ILE D 33 43.28 7.22 18.41
CA ILE D 33 42.32 6.67 17.45
C ILE D 33 42.47 5.15 17.36
N LYS D 34 43.71 4.69 17.21
CA LYS D 34 44.00 3.26 17.12
C LYS D 34 43.58 2.53 18.40
N LEU D 35 43.58 3.26 19.52
CA LEU D 35 43.19 2.67 20.80
C LEU D 35 41.69 2.43 20.89
N VAL D 36 40.90 3.44 20.55
CA VAL D 36 39.44 3.30 20.59
C VAL D 36 38.95 2.33 19.53
N LYS D 37 39.63 2.29 18.39
CA LYS D 37 39.33 1.34 17.34
C LYS D 37 39.65 -0.08 17.82
N GLY D 38 40.81 -0.21 18.48
CA GLY D 38 41.23 -1.49 19.02
C GLY D 38 40.38 -1.96 20.19
N ILE D 39 39.73 -1.02 20.85
CA ILE D 39 38.86 -1.35 21.99
C ILE D 39 37.50 -1.84 21.52
N LEU D 40 37.01 -1.26 20.42
CA LEU D 40 35.76 -1.69 19.81
C LEU D 40 35.95 -3.05 19.13
N GLU D 41 37.10 -3.21 18.47
CA GLU D 41 37.45 -4.49 17.86
C GLU D 41 37.64 -5.56 18.94
N GLN D 42 38.01 -5.13 20.13
CA GLN D 42 38.08 -6.02 21.28
C GLN D 42 36.67 -6.38 21.75
N ASN D 43 35.93 -7.04 20.86
CA ASN D 43 34.56 -7.48 21.14
C ASN D 43 34.23 -8.69 20.28
N ALA D 44 34.61 -9.86 20.77
CA ALA D 44 34.49 -11.13 20.02
C ALA D 44 35.29 -11.12 18.72
N LEU D 45 36.37 -10.34 18.70
CA LEU D 45 37.24 -10.25 17.53
C LEU D 45 38.61 -9.66 17.89
N ALA D 46 39.55 -9.77 16.95
CA ALA D 46 40.90 -9.24 17.12
C ALA D 46 41.63 -9.21 15.78
N ALA D 47 42.36 -8.12 15.51
CA ALA D 47 43.07 -7.98 14.24
C ALA D 47 44.17 -6.92 14.30
N ASP D 48 44.82 -6.68 13.16
CA ASP D 48 45.84 -5.66 13.05
C ASP D 48 45.22 -4.33 12.60
N VAL D 49 45.93 -3.24 12.83
CA VAL D 49 45.42 -1.92 12.49
C VAL D 49 46.53 -0.95 12.07
N THR D 50 46.46 -0.50 10.81
CA THR D 50 47.46 0.40 10.25
C THR D 50 46.79 1.66 9.70
N PRO D 51 47.57 2.75 9.52
CA PRO D 51 46.98 4.01 9.04
C PRO D 51 46.38 3.96 7.64
N GLN D 52 47.00 3.22 6.72
CA GLN D 52 46.48 3.14 5.35
C GLN D 52 45.41 2.05 5.17
N ALA D 53 45.19 1.27 6.22
CA ALA D 53 44.18 0.20 6.19
C ALA D 53 42.77 0.74 6.33
N LYS D 54 41.88 0.25 5.47
CA LYS D 54 40.48 0.68 5.48
C LYS D 54 39.71 0.10 6.67
N LEU D 55 38.94 0.97 7.33
CA LEU D 55 38.19 0.60 8.53
C LEU D 55 37.21 -0.55 8.31
N VAL D 56 36.57 -0.57 7.14
CA VAL D 56 35.64 -1.64 6.82
C VAL D 56 36.38 -2.99 6.70
N ASP D 57 37.60 -2.94 6.17
CA ASP D 57 38.44 -4.13 6.05
C ASP D 57 38.87 -4.64 7.42
N VAL D 58 39.13 -3.71 8.34
CA VAL D 58 39.50 -4.03 9.71
C VAL D 58 38.46 -4.92 10.39
N GLY D 59 37.18 -4.63 10.15
CA GLY D 59 36.10 -5.45 10.66
C GLY D 59 34.93 -4.68 11.26
N LEU D 60 35.02 -3.35 11.20
CA LEU D 60 33.99 -2.50 11.79
C LEU D 60 32.67 -2.55 11.02
N THR D 61 31.60 -2.86 11.73
CA THR D 61 30.24 -2.83 11.18
C THR D 61 29.56 -1.49 11.48
N SER D 62 28.27 -1.39 11.17
CA SER D 62 27.55 -0.12 11.31
C SER D 62 27.53 0.40 12.74
N MET D 63 27.14 -0.44 13.70
CA MET D 63 27.08 -0.01 15.09
C MET D 63 28.47 0.34 15.62
N ASP D 64 29.48 -0.41 15.17
CA ASP D 64 30.86 -0.11 15.53
C ASP D 64 31.28 1.27 15.03
N MET D 65 30.91 1.58 13.79
CA MET D 65 31.24 2.88 13.22
C MET D 65 30.52 4.00 13.97
N VAL D 66 29.30 3.72 14.40
CA VAL D 66 28.55 4.65 15.24
C VAL D 66 29.27 4.85 16.57
N ASN D 67 29.58 3.76 17.24
CA ASN D 67 30.30 3.80 18.51
C ASN D 67 31.70 4.41 18.39
N LEU D 68 32.32 4.23 17.22
CA LEU D 68 33.65 4.79 17.00
C LEU D 68 33.57 6.29 16.83
N MET D 69 32.52 6.76 16.18
CA MET D 69 32.32 8.19 15.99
C MET D 69 32.05 8.88 17.33
N LEU D 70 31.29 8.22 18.18
CA LEU D 70 31.00 8.74 19.52
C LEU D 70 32.25 8.73 20.40
N GLY D 71 33.06 7.68 20.26
CA GLY D 71 34.32 7.60 20.97
C GLY D 71 35.27 8.73 20.61
N VAL D 72 35.38 9.00 19.31
CA VAL D 72 36.24 10.08 18.81
C VAL D 72 35.76 11.45 19.29
N GLU D 73 34.46 11.67 19.22
CA GLU D 73 33.86 12.93 19.67
C GLU D 73 34.00 13.15 21.17
N ALA D 74 33.97 12.07 21.93
CA ALA D 74 34.08 12.15 23.39
C ALA D 74 35.54 12.33 23.84
N GLU D 75 36.46 11.69 23.13
CA GLU D 75 37.87 11.71 23.49
C GLU D 75 38.52 13.07 23.25
N PHE D 76 38.28 13.64 22.07
CA PHE D 76 38.94 14.88 21.70
C PHE D 76 38.08 16.12 21.94
N ASP D 77 37.04 15.95 22.77
CA ASP D 77 36.22 17.05 23.26
C ASP D 77 35.69 17.96 22.14
N PHE D 78 35.26 17.34 21.03
CA PHE D 78 34.75 18.10 19.89
C PHE D 78 33.57 17.39 19.25
N THR D 79 32.88 18.08 18.35
CA THR D 79 31.74 17.53 17.64
C THR D 79 31.96 17.58 16.12
N ILE D 80 31.90 16.42 15.47
CA ILE D 80 32.09 16.37 14.03
C ILE D 80 30.87 16.94 13.32
N PRO D 81 31.08 17.92 12.41
CA PRO D 81 30.00 18.46 11.58
C PRO D 81 29.41 17.39 10.68
N GLN D 82 28.11 17.48 10.40
CA GLN D 82 27.44 16.48 9.55
C GLN D 82 28.09 16.38 8.17
N SER D 83 28.59 17.51 7.68
CA SER D 83 29.24 17.58 6.37
C SER D 83 30.53 16.77 6.34
N GLU D 84 31.11 16.55 7.51
CA GLU D 84 32.38 15.84 7.61
C GLU D 84 32.20 14.33 7.79
N ILE D 85 30.97 13.91 8.05
CA ILE D 85 30.68 12.48 8.16
C ILE D 85 30.48 11.90 6.77
N THR D 86 31.60 11.45 6.18
CA THR D 86 31.63 10.94 4.81
C THR D 86 32.57 9.74 4.72
N PRO D 87 32.42 8.90 3.68
CA PRO D 87 33.30 7.74 3.51
C PRO D 87 34.76 8.15 3.39
N GLU D 88 35.01 9.27 2.72
CA GLU D 88 36.36 9.82 2.57
C GLU D 88 37.04 9.97 3.94
N ASN D 89 36.43 10.78 4.81
CA ASN D 89 36.97 11.01 6.15
C ASN D 89 37.01 9.77 7.04
N PHE D 90 36.16 8.79 6.75
CA PHE D 90 36.09 7.60 7.61
C PHE D 90 36.53 6.32 6.91
N GLN D 91 37.36 6.47 5.88
CA GLN D 91 37.91 5.33 5.17
C GLN D 91 38.96 4.59 6.00
N SER D 92 39.98 5.32 6.43
CA SER D 92 41.07 4.74 7.21
C SER D 92 41.44 5.66 8.38
N VAL D 93 42.26 5.14 9.28
CA VAL D 93 42.75 5.92 10.43
C VAL D 93 43.45 7.19 9.93
N GLU D 94 44.20 7.06 8.85
CA GLU D 94 44.87 8.19 8.22
C GLU D 94 43.90 9.28 7.83
N THR D 95 42.89 8.93 7.04
CA THR D 95 41.89 9.88 6.57
C THR D 95 41.06 10.42 7.74
N LEU D 96 40.99 9.64 8.81
CA LEU D 96 40.22 10.02 10.00
C LEU D 96 40.99 11.05 10.83
N GLU D 97 42.26 10.77 11.10
CA GLU D 97 43.11 11.70 11.82
C GLU D 97 43.28 13.00 11.03
N ARG D 98 43.30 12.90 9.70
CA ARG D 98 43.41 14.08 8.83
C ARG D 98 42.18 14.98 8.91
N MET D 99 41.09 14.45 9.46
CA MET D 99 39.87 15.23 9.65
C MET D 99 39.88 15.95 11.00
N VAL D 100 40.67 15.44 11.93
CA VAL D 100 40.76 16.03 13.26
C VAL D 100 42.13 16.67 13.51
ZN ZN E . -18.98 3.59 -5.06
P AMP F . -20.23 -1.00 0.50
O1P AMP F . -21.53 -1.44 -0.14
O2P AMP F . -20.20 -1.00 2.00
O3P AMP F . -19.78 0.40 0.08
O5' AMP F . -19.02 -1.95 0.09
C5' AMP F . -18.86 -2.44 -1.23
C4' AMP F . -18.45 -3.90 -1.20
O4' AMP F . -17.15 -4.00 -0.56
C3' AMP F . -19.35 -4.79 -0.36
O3' AMP F . -20.48 -5.25 -1.07
C2' AMP F . -18.43 -5.91 0.10
O2' AMP F . -18.38 -6.93 -0.89
C1' AMP F . -17.06 -5.22 0.15
N9 AMP F . -16.69 -4.93 1.55
C8 AMP F . -17.19 -3.93 2.34
N7 AMP F . -16.76 -3.96 3.58
C5 AMP F . -15.89 -5.04 3.60
C6 AMP F . -15.08 -5.59 4.61
N6 AMP F . -14.95 -5.05 5.83
N1 AMP F . -14.33 -6.68 4.31
C2 AMP F . -14.39 -7.16 3.05
N3 AMP F . -15.09 -6.71 2.01
C4 AMP F . -15.83 -5.65 2.35
C ACT G . -13.32 -2.52 -22.86
O ACT G . -14.50 -2.34 -22.50
OXT ACT G . -12.87 -3.66 -22.67
CH3 ACT G . -12.51 -1.42 -23.50
C ACT H . -20.36 -6.35 -21.94
O ACT H . -19.16 -6.51 -21.62
OXT ACT H . -20.68 -6.85 -23.05
CH3 ACT H . -21.33 -5.61 -21.05
C ACT I . -0.05 -18.54 9.07
O ACT I . -0.77 -17.68 9.64
OXT ACT I . 1.17 -18.24 8.93
CH3 ACT I . -0.62 -19.82 8.56
ZN ZN J . 12.98 -5.61 0.87
P AMP K . 14.28 1.29 -1.33
O1P AMP K . 15.51 0.85 -2.03
O2P AMP K . 14.25 2.70 -0.86
O3P AMP K . 13.90 0.43 -0.16
O5' AMP K . 13.05 1.19 -2.35
C5' AMP K . 12.95 0.13 -3.29
C4' AMP K . 12.49 0.66 -4.63
O4' AMP K . 11.19 1.29 -4.47
C3' AMP K . 13.37 1.78 -5.20
O3' AMP K . 14.51 1.29 -5.87
C2' AMP K . 12.40 2.54 -6.10
O2' AMP K . 12.31 1.91 -7.37
C1' AMP K . 11.07 2.37 -5.37
N9 AMP K . 10.72 3.57 -4.60
C8 AMP K . 11.24 3.98 -3.40
N7 AMP K . 10.81 5.15 -3.01
C5 AMP K . 9.93 5.54 -4.01
C6 AMP K . 9.15 6.69 -4.19
N6 AMP K . 9.07 7.68 -3.29
N1 AMP K . 8.39 6.77 -5.31
C2 AMP K . 8.43 5.75 -6.18
N3 AMP K . 9.12 4.62 -6.11
C4 AMP K . 9.86 4.57 -5.00
S SO4 L . -11.41 14.04 22.69
O1 SO4 L . -12.14 14.82 23.67
O2 SO4 L . -12.35 13.38 21.79
O3 SO4 L . -10.56 14.94 21.90
O4 SO4 L . -10.57 13.07 23.37
S SO4 M . 12.07 15.95 -4.54
O1 SO4 M . 12.24 15.50 -3.15
O2 SO4 M . 10.95 16.88 -4.60
O3 SO4 M . 13.29 16.62 -5.00
O4 SO4 M . 11.80 14.78 -5.38
P PO4 N . 15.20 6.91 -3.22
O1 PO4 N . 14.62 7.29 -1.88
O2 PO4 N . 14.96 5.42 -3.47
O3 PO4 N . 14.53 7.73 -4.29
O4 PO4 N . 16.69 7.20 -3.22
C1 GOL O . -5.89 15.13 -16.62
O1 GOL O . -6.49 15.81 -17.71
C2 GOL O . -6.28 15.79 -15.30
O2 GOL O . -7.31 15.08 -14.63
C3 GOL O . -5.05 15.80 -14.39
O3 GOL O . -5.49 15.99 -13.08
C H2V P . -29.29 9.80 4.24
N H2V P . -27.20 7.99 0.28
O H2V P . -30.25 10.76 1.93
P H2V P . -31.27 11.95 2.22
S H2V P . -20.09 5.45 -1.29
C1 H2V P . -29.47 8.83 3.07
N1 H2V P . -23.10 7.36 0.62
O1 H2V P . -30.52 13.27 1.97
C2 H2V P . -29.98 7.49 3.62
N2 H2V P . -18.91 2.33 -2.23
O2 H2V P . -32.47 11.78 1.28
C3 H2V P . -30.49 9.36 2.06
C4 H2V P . -28.08 8.60 2.45
O4 H2V P . -27.16 9.39 3.18
C5 H2V P . -27.87 8.92 0.95
O5 H2V P . -28.20 9.99 0.43
C6 H2V P . -26.35 8.33 -0.85
O6 H2V P . -24.65 6.19 -0.51
C7 H2V P . -24.93 8.56 -0.38
O7 H2V P . -21.93 3.88 -2.30
C8 H2V P . -24.22 7.26 -0.07
C9 H2V P . -22.03 6.40 0.48
C10 H2V P . -21.58 6.44 -0.98
C11 H2V P . -20.75 4.13 -2.24
C12 H2V P . -19.67 3.30 -2.98
O23 PNS Q . 26.48 -3.02 9.68
P24 PNS Q . 25.22 -2.66 10.46
O25 PNS Q . 24.75 -3.82 11.35
O27 PNS Q . 24.03 -2.31 9.42
C28 PNS Q . 22.72 -1.86 9.80
C29 PNS Q . 21.91 -1.55 8.52
C30 PNS Q . 20.54 -1.02 8.94
C31 PNS Q . 22.63 -0.49 7.67
C32 PNS Q . 21.74 -2.83 7.68
O33 PNS Q . 21.80 -3.99 8.47
C34 PNS Q . 20.39 -2.83 6.93
O35 PNS Q . 19.54 -3.65 7.26
N36 PNS Q . 20.17 -1.93 5.98
C37 PNS Q . 18.86 -1.74 5.36
C38 PNS Q . 17.89 -1.08 6.30
C39 PNS Q . 16.49 -1.61 6.12
O40 PNS Q . 15.84 -2.05 7.07
N41 PNS Q . 16.01 -1.59 4.87
C42 PNS Q . 14.70 -2.10 4.51
C43 PNS Q . 14.50 -2.03 2.99
S44 PNS Q . 15.87 -3.00 2.28
#